data_4JQT
#
_entry.id   4JQT
#
_cell.length_a   85.554
_cell.length_b   87.648
_cell.length_c   141.824
_cell.angle_alpha   90.000
_cell.angle_beta   90.000
_cell.angle_gamma   90.000
#
_symmetry.space_group_name_H-M   'P 21 21 21'
#
loop_
_entity.id
_entity.type
_entity.pdbx_description
1 polymer 'putative glycosyl hydrolase'
2 non-polymer 'SODIUM ION'
3 non-polymer 1,2-ETHANEDIOL
4 water water
#
_entity_poly.entity_id   1
_entity_poly.type   'polypeptide(L)'
_entity_poly.pdbx_seq_one_letter_code
;GQTWEPLFNGKNLKGWKKLNGKAEYKIVDGAIVGISK(MSE)GTPNTFLATTKNYGDFILEFDFKIDDGLNSGVQLRSES
KKDYQNGRVHGYQFEIDPSKRAWSGGIYDEARRNWLYPLTLNPAAKTAFKNNAWNKARIEAIGNSIRTWINGVPCANIWD
D(MSE)TPSGFIALQVHAIGNASEEGKTVSWKDIRICTTDVERYQTPETEEAPERN(MSE)IANTISPREAKEGWALLWD
GKTNNGWRGAKLNAFPEKGWK(MSE)EDGILKV(MSE)KSGGAESANGGDIVTTRKYKNFILTVDFKITEGANSGVKYFV
NPDLNKGEGSAIGCEFQILDDDKHPDAKLGVKGNRKLGSLYDLIPAPEKKPFNKKDFNTATIIVQDNHVEHWLNGVKLIE
YTRNTD(MSE)WNALVAYSKYKNWPNFGNSAEGNILLQDHGDEVWFKNVKIKELK
;
_entity_poly.pdbx_strand_id   A,B
#
# COMPACT_ATOMS: atom_id res chain seq x y z
N GLY A 1 -11.14 -43.55 35.55
CA GLY A 1 -11.15 -42.43 34.62
C GLY A 1 -11.87 -41.19 35.14
N GLN A 2 -12.43 -40.37 34.20
CA GLN A 2 -13.16 -39.13 34.53
C GLN A 2 -14.44 -39.47 35.30
N THR A 3 -14.59 -38.80 36.45
CA THR A 3 -15.75 -38.96 37.31
C THR A 3 -16.81 -37.92 36.87
N TRP A 4 -17.92 -38.43 36.28
CA TRP A 4 -19.08 -37.66 35.87
C TRP A 4 -20.22 -37.90 36.84
N GLU A 5 -20.92 -36.84 37.22
CA GLU A 5 -22.10 -36.92 38.09
C GLU A 5 -23.33 -36.49 37.26
N PRO A 6 -24.41 -37.30 37.22
CA PRO A 6 -25.61 -36.85 36.51
C PRO A 6 -26.36 -35.77 37.31
N LEU A 7 -26.73 -34.66 36.62
CA LEU A 7 -27.50 -33.57 37.19
C LEU A 7 -29.00 -33.90 37.11
N PHE A 8 -29.39 -34.68 36.08
CA PHE A 8 -30.70 -35.24 35.83
C PHE A 8 -30.54 -36.79 35.72
N ASN A 9 -31.36 -37.56 36.45
CA ASN A 9 -31.32 -39.02 36.51
C ASN A 9 -32.22 -39.71 35.45
N GLY A 10 -32.81 -38.90 34.57
CA GLY A 10 -33.67 -39.38 33.49
C GLY A 10 -35.02 -39.89 33.92
N LYS A 11 -35.31 -39.90 35.24
CA LYS A 11 -36.53 -40.50 35.77
C LYS A 11 -37.43 -39.46 36.43
N ASN A 12 -36.86 -38.67 37.35
CA ASN A 12 -37.61 -37.63 38.06
C ASN A 12 -36.81 -36.30 38.07
N LEU A 13 -37.33 -35.28 38.79
CA LEU A 13 -36.70 -33.95 38.87
C LEU A 13 -35.90 -33.73 40.16
N LYS A 14 -35.50 -34.83 40.87
CA LYS A 14 -34.63 -34.76 42.06
C LYS A 14 -33.32 -33.99 41.71
N GLY A 15 -32.97 -33.04 42.56
CA GLY A 15 -31.79 -32.21 42.40
C GLY A 15 -32.08 -30.88 41.72
N TRP A 16 -33.37 -30.56 41.53
CA TRP A 16 -33.85 -29.36 40.86
C TRP A 16 -34.97 -28.62 41.64
N LYS A 17 -35.09 -27.31 41.38
CA LYS A 17 -36.10 -26.42 41.96
C LYS A 17 -36.53 -25.40 40.90
N LYS A 18 -37.85 -25.15 40.76
CA LYS A 18 -38.36 -24.19 39.79
C LYS A 18 -38.30 -22.80 40.42
N LEU A 19 -37.77 -21.82 39.66
CA LEU A 19 -37.68 -20.44 40.12
C LEU A 19 -38.36 -19.48 39.14
N ASN A 20 -38.88 -18.36 39.67
CA ASN A 20 -39.50 -17.23 38.99
C ASN A 20 -40.86 -17.61 38.32
N GLY A 21 -40.83 -17.97 37.03
CA GLY A 21 -42.00 -18.37 36.25
C GLY A 21 -42.67 -19.65 36.71
N LYS A 22 -43.79 -19.98 36.04
CA LYS A 22 -44.62 -21.14 36.37
C LYS A 22 -44.73 -22.14 35.20
N ALA A 23 -43.77 -22.12 34.24
CA ALA A 23 -43.74 -23.05 33.10
C ALA A 23 -43.47 -24.46 33.56
N GLU A 24 -43.99 -25.45 32.83
CA GLU A 24 -43.85 -26.86 33.19
C GLU A 24 -42.56 -27.51 32.65
N TYR A 25 -42.06 -28.49 33.40
CA TYR A 25 -40.91 -29.33 33.09
C TYR A 25 -41.40 -30.75 33.23
N LYS A 26 -41.58 -31.44 32.10
CA LYS A 26 -42.09 -32.82 32.02
C LYS A 26 -40.97 -33.74 31.54
N ILE A 27 -41.01 -35.03 31.92
CA ILE A 27 -39.99 -35.99 31.53
C ILE A 27 -40.56 -36.87 30.41
N VAL A 28 -39.94 -36.76 29.22
CA VAL A 28 -40.30 -37.49 28.00
C VAL A 28 -39.04 -38.21 27.50
N ASP A 29 -39.08 -39.55 27.46
CA ASP A 29 -38.01 -40.48 27.05
C ASP A 29 -36.63 -40.07 27.61
N GLY A 30 -36.58 -39.89 28.94
CA GLY A 30 -35.36 -39.53 29.67
C GLY A 30 -34.79 -38.14 29.39
N ALA A 31 -35.66 -37.21 29.03
CA ALA A 31 -35.28 -35.82 28.75
C ALA A 31 -36.20 -34.89 29.49
N ILE A 32 -35.64 -33.78 30.04
CA ILE A 32 -36.42 -32.72 30.68
C ILE A 32 -36.99 -31.89 29.53
N VAL A 33 -38.31 -31.73 29.50
CA VAL A 33 -38.96 -30.96 28.45
C VAL A 33 -39.59 -29.73 29.09
N GLY A 34 -39.09 -28.56 28.72
CA GLY A 34 -39.62 -27.31 29.21
C GLY A 34 -40.66 -26.82 28.24
N ILE A 35 -41.88 -26.54 28.73
CA ILE A 35 -43.02 -26.16 27.89
C ILE A 35 -43.32 -24.68 28.04
N SER A 36 -43.39 -23.97 26.89
CA SER A 36 -43.72 -22.55 26.81
C SER A 36 -45.09 -22.29 27.42
N LYS A 37 -45.33 -21.05 27.86
CA LYS A 37 -46.60 -20.68 28.46
C LYS A 37 -46.93 -19.22 28.08
N GLY A 39 -48.54 -15.50 29.85
CA GLY A 39 -48.81 -14.78 31.08
C GLY A 39 -47.91 -15.13 32.25
N THR A 40 -46.84 -15.90 32.00
CA THR A 40 -45.87 -16.24 33.03
C THR A 40 -44.52 -15.66 32.58
N PRO A 41 -43.64 -15.19 33.52
CA PRO A 41 -42.32 -14.70 33.07
C PRO A 41 -41.36 -15.85 32.77
N ASN A 42 -40.07 -15.52 32.61
CA ASN A 42 -39.01 -16.50 32.42
C ASN A 42 -39.00 -17.51 33.57
N THR A 43 -38.85 -18.79 33.23
CA THR A 43 -38.85 -19.89 34.19
C THR A 43 -37.49 -20.55 34.16
N PHE A 44 -37.03 -20.98 35.35
CA PHE A 44 -35.74 -21.63 35.48
C PHE A 44 -35.86 -22.85 36.38
N LEU A 45 -35.40 -24.02 35.88
CA LEU A 45 -35.31 -25.24 36.66
C LEU A 45 -33.86 -25.30 37.10
N ALA A 46 -33.59 -24.89 38.34
CA ALA A 46 -32.23 -24.75 38.88
C ALA A 46 -31.81 -25.89 39.74
N THR A 47 -30.51 -26.26 39.64
CA THR A 47 -29.88 -27.28 40.47
C THR A 47 -29.95 -26.84 41.94
N THR A 48 -30.15 -27.78 42.84
CA THR A 48 -30.26 -27.49 44.28
C THR A 48 -28.86 -27.37 44.92
N LYS A 49 -27.82 -27.49 44.10
CA LYS A 49 -26.40 -27.39 44.48
C LYS A 49 -25.74 -26.28 43.71
N ASN A 50 -24.74 -25.65 44.34
CA ASN A 50 -23.95 -24.62 43.66
C ASN A 50 -22.70 -25.24 43.11
N TYR A 51 -22.24 -24.75 41.95
CA TYR A 51 -21.06 -25.24 41.25
C TYR A 51 -20.13 -24.09 40.87
N GLY A 52 -18.85 -24.26 41.15
CA GLY A 52 -17.81 -23.29 40.85
C GLY A 52 -17.01 -23.69 39.63
N ASP A 53 -16.04 -24.57 39.82
CA ASP A 53 -15.23 -25.14 38.75
C ASP A 53 -15.82 -26.47 38.32
N PHE A 54 -16.12 -26.58 37.02
CA PHE A 54 -16.78 -27.77 36.49
C PHE A 54 -16.69 -27.86 34.97
N ILE A 55 -17.00 -29.06 34.47
CA ILE A 55 -17.18 -29.36 33.06
C ILE A 55 -18.61 -29.86 32.98
N LEU A 56 -19.46 -29.10 32.27
CA LEU A 56 -20.87 -29.42 32.07
C LEU A 56 -21.13 -29.91 30.65
N GLU A 57 -21.92 -30.97 30.53
CA GLU A 57 -22.31 -31.55 29.24
C GLU A 57 -23.79 -31.85 29.24
N PHE A 58 -24.47 -31.54 28.14
CA PHE A 58 -25.90 -31.84 27.96
C PHE A 58 -26.25 -31.82 26.49
N ASP A 59 -27.25 -32.63 26.14
CA ASP A 59 -27.81 -32.65 24.81
C ASP A 59 -29.03 -31.71 24.84
N PHE A 60 -29.27 -30.93 23.76
CA PHE A 60 -30.39 -29.99 23.71
C PHE A 60 -31.01 -29.88 22.30
N LYS A 61 -32.33 -29.67 22.26
CA LYS A 61 -33.15 -29.49 21.07
C LYS A 61 -34.21 -28.43 21.37
N ILE A 62 -34.58 -27.63 20.38
CA ILE A 62 -35.55 -26.56 20.58
C ILE A 62 -36.42 -26.39 19.32
N ASP A 63 -37.68 -25.99 19.52
CA ASP A 63 -38.59 -25.67 18.43
C ASP A 63 -38.14 -24.33 17.87
N ASP A 64 -38.23 -24.16 16.54
CA ASP A 64 -37.83 -22.89 15.92
C ASP A 64 -38.83 -21.79 16.36
N GLY A 65 -38.35 -20.56 16.47
CA GLY A 65 -39.18 -19.44 16.91
C GLY A 65 -39.36 -19.40 18.40
N LEU A 66 -38.49 -20.11 19.11
CA LEU A 66 -38.44 -20.19 20.57
C LEU A 66 -37.01 -19.87 21.00
N ASN A 67 -36.83 -19.29 22.19
CA ASN A 67 -35.48 -18.98 22.71
C ASN A 67 -35.29 -19.66 24.06
N SER A 68 -34.08 -20.19 24.30
CA SER A 68 -33.75 -20.87 25.54
C SER A 68 -32.29 -20.62 25.97
N GLY A 69 -31.89 -21.30 27.03
CA GLY A 69 -30.55 -21.18 27.58
C GLY A 69 -30.36 -21.96 28.86
N VAL A 70 -29.10 -22.12 29.23
CA VAL A 70 -28.69 -22.82 30.42
C VAL A 70 -27.87 -21.86 31.25
N GLN A 71 -28.39 -21.52 32.44
CA GLN A 71 -27.70 -20.66 33.41
C GLN A 71 -26.54 -21.38 34.02
N LEU A 72 -25.42 -20.65 34.20
CA LEU A 72 -24.18 -21.12 34.83
C LEU A 72 -23.84 -20.18 35.95
N ARG A 73 -23.26 -20.68 37.05
CA ARG A 73 -22.84 -19.88 38.22
C ARG A 73 -23.85 -18.75 38.47
N SER A 74 -25.15 -19.08 38.48
CA SER A 74 -26.20 -18.08 38.58
C SER A 74 -26.82 -18.02 39.96
N GLU A 75 -27.48 -16.88 40.23
CA GLU A 75 -28.04 -16.57 41.53
C GLU A 75 -29.53 -16.18 41.46
N SER A 76 -30.16 -16.25 42.62
CA SER A 76 -31.52 -15.83 42.91
C SER A 76 -31.50 -15.29 44.33
N LYS A 77 -31.53 -13.95 44.44
CA LYS A 77 -31.43 -13.27 45.73
C LYS A 77 -32.69 -12.45 46.00
N LYS A 78 -33.29 -12.62 47.22
CA LYS A 78 -34.52 -11.95 47.67
C LYS A 78 -34.37 -10.42 47.68
N ASP A 79 -33.13 -9.95 47.85
CA ASP A 79 -32.73 -8.53 47.86
C ASP A 79 -32.60 -7.99 46.43
N TYR A 80 -32.45 -8.86 45.41
CA TYR A 80 -32.29 -8.39 44.04
C TYR A 80 -33.47 -8.81 43.19
N GLN A 81 -34.28 -7.82 42.80
CA GLN A 81 -35.44 -7.92 41.91
C GLN A 81 -36.37 -9.07 42.33
N ASN A 82 -36.61 -9.26 43.65
CA ASN A 82 -37.47 -10.30 44.24
C ASN A 82 -37.10 -11.73 43.72
N GLY A 83 -35.83 -12.09 43.90
CA GLY A 83 -35.36 -13.42 43.54
C GLY A 83 -35.28 -13.74 42.06
N ARG A 84 -35.38 -12.72 41.19
CA ARG A 84 -35.23 -12.90 39.74
C ARG A 84 -33.86 -13.50 39.49
N VAL A 85 -33.85 -14.60 38.71
CA VAL A 85 -32.66 -15.35 38.35
C VAL A 85 -31.76 -14.48 37.46
N HIS A 86 -30.50 -14.35 37.85
CA HIS A 86 -29.52 -13.56 37.12
C HIS A 86 -28.19 -14.28 37.10
N GLY A 87 -27.41 -14.04 36.03
CA GLY A 87 -26.09 -14.60 35.87
C GLY A 87 -25.81 -15.09 34.47
N TYR A 88 -24.59 -15.65 34.26
CA TYR A 88 -24.16 -16.17 32.96
C TYR A 88 -25.14 -17.16 32.38
N GLN A 89 -25.41 -17.06 31.09
CA GLN A 89 -26.31 -17.97 30.43
C GLN A 89 -25.76 -18.39 29.08
N PHE A 90 -25.74 -19.71 28.82
CA PHE A 90 -25.40 -20.34 27.54
C PHE A 90 -26.65 -20.19 26.66
N GLU A 91 -26.56 -19.41 25.58
CA GLU A 91 -27.69 -19.13 24.71
C GLU A 91 -28.06 -20.33 23.83
N ILE A 92 -29.38 -20.56 23.67
CA ILE A 92 -30.00 -21.55 22.79
C ILE A 92 -30.88 -20.72 21.85
N ASP A 93 -30.34 -20.44 20.63
CA ASP A 93 -30.97 -19.59 19.62
C ASP A 93 -31.10 -20.27 18.22
N PRO A 94 -32.33 -20.71 17.90
CA PRO A 94 -32.56 -21.34 16.58
C PRO A 94 -32.85 -20.33 15.45
N SER A 95 -32.92 -19.02 15.77
CA SER A 95 -33.16 -17.94 14.82
C SER A 95 -31.97 -17.73 13.85
N LYS A 96 -32.20 -16.95 12.77
CA LYS A 96 -31.21 -16.60 11.73
C LYS A 96 -30.01 -15.82 12.29
N ARG A 97 -30.19 -15.16 13.49
CA ARG A 97 -29.17 -14.41 14.25
C ARG A 97 -28.02 -15.39 14.62
N ALA A 98 -28.40 -16.62 15.05
CA ALA A 98 -27.58 -17.79 15.37
C ALA A 98 -26.50 -17.55 16.41
N TRP A 99 -26.93 -17.20 17.64
CA TRP A 99 -26.02 -16.90 18.75
C TRP A 99 -26.00 -18.00 19.83
N SER A 100 -26.36 -19.23 19.44
CA SER A 100 -26.31 -20.39 20.35
C SER A 100 -24.89 -20.61 20.80
N GLY A 101 -24.71 -20.85 22.08
CA GLY A 101 -23.39 -21.05 22.68
C GLY A 101 -22.76 -19.76 23.17
N GLY A 102 -23.34 -18.64 22.75
CA GLY A 102 -22.94 -17.32 23.19
C GLY A 102 -23.28 -17.14 24.65
N ILE A 103 -22.63 -16.16 25.32
CA ILE A 103 -22.88 -15.93 26.74
C ILE A 103 -23.65 -14.61 26.92
N TYR A 104 -24.84 -14.73 27.53
CA TYR A 104 -25.74 -13.63 27.85
C TYR A 104 -25.81 -13.50 29.38
N ASP A 105 -25.59 -12.31 29.92
CA ASP A 105 -25.65 -12.10 31.36
C ASP A 105 -27.07 -11.68 31.76
N GLU A 106 -27.94 -12.71 31.92
CA GLU A 106 -29.35 -12.66 32.29
C GLU A 106 -29.60 -11.73 33.47
N ALA A 107 -30.59 -10.79 33.31
CA ALA A 107 -31.01 -9.79 34.30
C ALA A 107 -29.83 -9.06 35.00
N ARG A 108 -28.72 -8.86 34.26
CA ARG A 108 -27.54 -8.18 34.77
C ARG A 108 -26.86 -7.34 33.63
N ARG A 109 -25.75 -7.82 33.04
CA ARG A 109 -25.04 -7.02 32.02
C ARG A 109 -25.55 -7.22 30.59
N ASN A 110 -26.39 -8.26 30.40
CA ASN A 110 -26.97 -8.68 29.12
C ASN A 110 -25.85 -9.29 28.24
N TRP A 111 -25.84 -9.07 26.93
CA TRP A 111 -24.87 -9.74 26.06
C TRP A 111 -23.40 -9.51 26.42
N LEU A 112 -22.71 -10.64 26.76
CA LEU A 112 -21.27 -10.63 27.07
C LEU A 112 -20.50 -11.13 25.86
N TYR A 113 -20.90 -12.29 25.33
CA TYR A 113 -20.23 -12.89 24.19
C TYR A 113 -21.24 -13.27 23.10
N PRO A 114 -21.72 -12.27 22.30
CA PRO A 114 -22.58 -12.58 21.16
C PRO A 114 -21.73 -13.22 20.06
N LEU A 115 -22.32 -14.05 19.18
CA LEU A 115 -21.50 -14.75 18.19
C LEU A 115 -20.96 -13.86 17.06
N THR A 116 -21.15 -12.52 17.17
CA THR A 116 -20.54 -11.55 16.28
C THR A 116 -19.02 -11.54 16.55
N LEU A 117 -18.61 -11.82 17.81
CA LEU A 117 -17.22 -11.92 18.29
C LEU A 117 -16.48 -13.14 17.74
N ASN A 118 -17.22 -14.17 17.28
CA ASN A 118 -16.71 -15.43 16.72
C ASN A 118 -17.73 -15.93 15.67
N PRO A 119 -17.79 -15.29 14.48
CA PRO A 119 -18.84 -15.64 13.50
C PRO A 119 -18.81 -17.06 12.93
N ALA A 120 -17.67 -17.77 13.01
CA ALA A 120 -17.59 -19.14 12.45
C ALA A 120 -18.40 -20.18 13.28
N ALA A 121 -18.72 -19.85 14.54
CA ALA A 121 -19.50 -20.69 15.46
C ALA A 121 -21.03 -20.57 15.18
N LYS A 122 -21.43 -19.62 14.31
CA LYS A 122 -22.83 -19.40 13.96
C LYS A 122 -23.48 -20.64 13.27
N THR A 123 -22.66 -21.47 12.57
CA THR A 123 -23.05 -22.70 11.87
C THR A 123 -23.15 -23.96 12.79
N ALA A 124 -22.68 -23.89 14.06
CA ALA A 124 -22.64 -25.02 15.00
C ALA A 124 -24.01 -25.65 15.30
N PHE A 125 -25.02 -24.83 15.63
CA PHE A 125 -26.35 -25.32 15.97
C PHE A 125 -27.09 -25.91 14.77
N LYS A 126 -27.63 -27.12 14.97
CA LYS A 126 -28.46 -27.88 14.03
C LYS A 126 -29.92 -27.63 14.40
N ASN A 127 -30.71 -27.02 13.50
CA ASN A 127 -32.12 -26.74 13.76
C ASN A 127 -32.95 -28.03 13.69
N ASN A 128 -33.96 -28.16 14.59
CA ASN A 128 -34.88 -29.32 14.70
C ASN A 128 -34.11 -30.67 14.77
N ALA A 129 -33.05 -30.69 15.60
CA ALA A 129 -32.17 -31.83 15.84
C ALA A 129 -31.56 -31.74 17.23
N TRP A 130 -30.93 -32.84 17.70
CA TRP A 130 -30.23 -32.84 18.98
C TRP A 130 -28.85 -32.26 18.80
N ASN A 131 -28.46 -31.41 19.74
CA ASN A 131 -27.18 -30.74 19.76
C ASN A 131 -26.44 -31.05 21.04
N LYS A 132 -25.12 -31.26 20.96
CA LYS A 132 -24.31 -31.62 22.12
C LYS A 132 -23.58 -30.39 22.61
N ALA A 133 -23.77 -30.05 23.88
CA ALA A 133 -23.12 -28.89 24.46
C ALA A 133 -22.07 -29.28 25.49
N ARG A 134 -21.06 -28.44 25.62
CA ARG A 134 -20.02 -28.58 26.61
C ARG A 134 -19.66 -27.18 27.09
N ILE A 135 -19.64 -27.02 28.42
CA ILE A 135 -19.27 -25.79 29.10
C ILE A 135 -18.16 -26.11 30.05
N GLU A 136 -17.10 -25.34 30.03
CA GLU A 136 -15.97 -25.43 30.92
C GLU A 136 -15.83 -24.12 31.67
N ALA A 137 -16.22 -24.13 32.95
CA ALA A 137 -16.12 -23.03 33.87
C ALA A 137 -14.98 -23.34 34.85
N ILE A 138 -13.75 -22.79 34.56
CA ILE A 138 -12.50 -23.05 35.30
C ILE A 138 -11.87 -21.74 35.78
N GLY A 139 -12.04 -21.45 37.06
CA GLY A 139 -11.59 -20.17 37.59
C GLY A 139 -12.40 -19.07 36.92
N ASN A 140 -11.73 -18.01 36.44
CA ASN A 140 -12.42 -16.89 35.78
C ASN A 140 -12.77 -17.17 34.32
N SER A 141 -12.29 -18.30 33.77
CA SER A 141 -12.51 -18.72 32.39
C SER A 141 -13.78 -19.53 32.26
N ILE A 142 -14.70 -19.03 31.41
CA ILE A 142 -15.96 -19.70 31.05
C ILE A 142 -15.95 -19.88 29.53
N ARG A 143 -15.86 -21.14 29.08
CA ARG A 143 -15.77 -21.45 27.65
C ARG A 143 -16.90 -22.40 27.25
N THR A 144 -17.42 -22.25 26.01
CA THR A 144 -18.54 -23.07 25.48
C THR A 144 -18.24 -23.64 24.12
N TRP A 145 -18.76 -24.86 23.87
CA TRP A 145 -18.70 -25.60 22.62
C TRP A 145 -20.09 -26.18 22.29
N ILE A 146 -20.44 -26.23 21.00
CA ILE A 146 -21.65 -26.85 20.46
C ILE A 146 -21.22 -27.75 19.33
N ASN A 147 -21.51 -29.07 19.47
CA ASN A 147 -21.19 -30.14 18.50
C ASN A 147 -19.71 -30.12 18.13
N GLY A 148 -18.87 -29.86 19.13
CA GLY A 148 -17.42 -29.79 18.96
C GLY A 148 -16.89 -28.48 18.40
N VAL A 149 -17.78 -27.49 18.15
CA VAL A 149 -17.40 -26.19 17.60
C VAL A 149 -17.25 -25.19 18.75
N PRO A 150 -16.06 -24.58 18.97
CA PRO A 150 -15.95 -23.57 20.04
C PRO A 150 -16.81 -22.35 19.76
N CYS A 151 -17.64 -21.93 20.74
CA CYS A 151 -18.54 -20.79 20.54
C CYS A 151 -18.10 -19.54 21.26
N ALA A 152 -18.14 -19.54 22.60
CA ALA A 152 -17.80 -18.39 23.44
C ALA A 152 -16.64 -18.68 24.40
N ASN A 153 -16.01 -17.60 24.89
CA ASN A 153 -14.91 -17.61 25.83
C ASN A 153 -14.83 -16.26 26.53
N ILE A 154 -15.23 -16.21 27.80
CA ILE A 154 -15.16 -14.98 28.60
C ILE A 154 -14.27 -15.19 29.82
N TRP A 155 -13.61 -14.12 30.22
CA TRP A 155 -12.78 -14.06 31.42
C TRP A 155 -13.53 -13.09 32.30
N ASP A 156 -14.09 -13.58 33.39
CA ASP A 156 -14.90 -12.78 34.33
C ASP A 156 -14.85 -13.35 35.76
N ASP A 157 -15.02 -12.47 36.78
CA ASP A 157 -14.93 -12.83 38.19
C ASP A 157 -16.17 -12.43 39.02
N THR A 159 -19.22 -13.72 39.51
CA THR A 159 -19.85 -14.79 40.31
C THR A 159 -19.05 -16.10 40.16
N PRO A 160 -18.18 -16.40 41.15
CA PRO A 160 -17.33 -17.61 41.07
C PRO A 160 -18.06 -18.92 41.19
N SER A 161 -19.25 -18.88 41.83
CA SER A 161 -20.06 -20.06 42.14
C SER A 161 -21.55 -19.71 42.18
N GLY A 162 -22.37 -20.62 41.69
CA GLY A 162 -23.82 -20.50 41.66
C GLY A 162 -24.46 -21.74 41.06
N PHE A 163 -25.77 -21.70 40.84
CA PHE A 163 -26.48 -22.85 40.27
C PHE A 163 -26.48 -22.84 38.72
N ILE A 164 -26.83 -24.00 38.16
CA ILE A 164 -27.06 -24.28 36.75
C ILE A 164 -28.60 -24.35 36.62
N ALA A 165 -29.17 -23.69 35.60
CA ALA A 165 -30.62 -23.70 35.46
C ALA A 165 -31.04 -23.85 34.02
N LEU A 166 -32.20 -24.48 33.78
CA LEU A 166 -32.75 -24.67 32.43
C LEU A 166 -33.82 -23.61 32.18
N GLN A 167 -33.66 -22.79 31.13
CA GLN A 167 -34.59 -21.69 30.83
C GLN A 167 -35.68 -22.08 29.84
N VAL A 168 -36.92 -21.68 30.22
CA VAL A 168 -38.15 -21.69 29.44
C VAL A 168 -38.51 -20.23 29.40
N HIS A 169 -38.22 -19.60 28.26
CA HIS A 169 -38.41 -18.18 28.07
C HIS A 169 -39.88 -17.88 27.85
N ALA A 170 -40.36 -16.80 28.51
CA ALA A 170 -41.73 -16.29 28.42
C ALA A 170 -42.10 -16.04 26.97
N ILE A 171 -43.27 -16.51 26.52
CA ILE A 171 -43.68 -16.36 25.14
C ILE A 171 -44.65 -15.15 24.98
N GLY A 172 -44.57 -14.47 23.82
CA GLY A 172 -45.35 -13.27 23.52
C GLY A 172 -46.59 -13.46 22.67
N ASN A 173 -46.49 -14.32 21.62
CA ASN A 173 -47.60 -14.61 20.70
C ASN A 173 -48.21 -15.98 21.01
N ALA A 174 -49.53 -16.10 20.77
CA ALA A 174 -50.34 -17.30 21.01
C ALA A 174 -49.86 -18.54 20.22
N SER A 175 -49.27 -18.30 19.04
CA SER A 175 -48.73 -19.30 18.12
C SER A 175 -47.60 -20.17 18.74
N GLU A 176 -47.20 -19.87 20.00
CA GLU A 176 -46.16 -20.63 20.72
C GLU A 176 -46.59 -20.90 22.19
N GLU A 177 -47.44 -21.93 22.37
CA GLU A 177 -47.94 -22.33 23.69
C GLU A 177 -47.40 -23.71 24.09
N GLY A 178 -47.37 -24.63 23.15
CA GLY A 178 -46.88 -25.97 23.42
C GLY A 178 -45.50 -26.22 22.88
N LYS A 179 -44.92 -25.19 22.23
CA LYS A 179 -43.58 -25.25 21.68
C LYS A 179 -42.60 -25.54 22.85
N THR A 180 -41.71 -26.51 22.67
CA THR A 180 -40.80 -27.00 23.72
C THR A 180 -39.31 -26.85 23.41
N VAL A 181 -38.52 -26.84 24.49
CA VAL A 181 -37.07 -26.94 24.54
C VAL A 181 -36.82 -28.21 25.37
N SER A 182 -35.85 -29.05 24.96
CA SER A 182 -35.58 -30.31 25.65
C SER A 182 -34.10 -30.50 25.98
N TRP A 183 -33.82 -31.00 27.19
CA TRP A 183 -32.49 -31.31 27.68
C TRP A 183 -32.42 -32.78 28.12
N LYS A 184 -31.34 -33.48 27.75
CA LYS A 184 -31.13 -34.87 28.15
C LYS A 184 -29.62 -35.07 28.45
N ASP A 185 -29.26 -36.21 29.07
CA ASP A 185 -27.88 -36.58 29.38
C ASP A 185 -27.11 -35.40 29.99
N ILE A 186 -27.68 -34.81 31.06
CA ILE A 186 -27.11 -33.69 31.78
C ILE A 186 -26.14 -34.26 32.82
N ARG A 187 -24.85 -34.07 32.59
CA ARG A 187 -23.82 -34.56 33.49
C ARG A 187 -22.79 -33.44 33.78
N ILE A 188 -22.14 -33.53 34.93
CA ILE A 188 -21.14 -32.57 35.39
C ILE A 188 -19.91 -33.29 35.97
N CYS A 189 -18.74 -32.72 35.70
CA CYS A 189 -17.46 -33.15 36.24
C CYS A 189 -16.91 -32.02 37.08
N THR A 190 -16.68 -32.33 38.36
CA THR A 190 -16.17 -31.37 39.35
C THR A 190 -14.82 -31.83 39.93
N THR A 191 -14.39 -33.07 39.64
CA THR A 191 -13.14 -33.66 40.14
C THR A 191 -12.14 -33.76 38.97
N ASP A 192 -10.88 -33.30 39.21
CA ASP A 192 -9.77 -33.28 38.27
C ASP A 192 -10.16 -32.57 36.94
N VAL A 193 -10.79 -31.39 37.09
CA VAL A 193 -11.27 -30.54 36.00
C VAL A 193 -10.09 -30.17 35.04
N GLU A 194 -8.91 -29.82 35.60
CA GLU A 194 -7.69 -29.46 34.88
C GLU A 194 -7.16 -30.63 34.02
N ARG A 195 -7.41 -31.88 34.43
CA ARG A 195 -7.00 -33.07 33.68
C ARG A 195 -7.78 -33.20 32.39
N TYR A 196 -9.06 -32.78 32.39
CA TYR A 196 -9.92 -32.99 31.24
C TYR A 196 -10.33 -31.71 30.52
N GLN A 197 -9.73 -30.56 30.88
CA GLN A 197 -10.04 -29.27 30.24
C GLN A 197 -9.57 -29.24 28.79
N THR A 198 -10.30 -28.50 27.92
CA THR A 198 -10.00 -28.37 26.51
C THR A 198 -8.78 -27.43 26.36
N PRO A 199 -7.79 -27.80 25.54
CA PRO A 199 -6.63 -26.91 25.34
C PRO A 199 -7.01 -25.57 24.67
N GLU A 200 -6.12 -24.57 24.83
CA GLU A 200 -6.23 -23.22 24.25
C GLU A 200 -6.25 -23.26 22.73
N THR A 201 -5.75 -24.37 22.16
CA THR A 201 -5.71 -24.59 20.72
C THR A 201 -7.12 -24.89 20.15
N GLU A 202 -8.12 -25.23 20.99
CA GLU A 202 -9.47 -25.61 20.53
C GLU A 202 -10.59 -24.79 21.21
N GLU A 203 -10.38 -23.49 21.35
CA GLU A 203 -11.35 -22.57 21.97
C GLU A 203 -11.66 -21.34 21.12
N ALA A 204 -12.73 -20.63 21.50
CA ALA A 204 -13.15 -19.36 20.94
C ALA A 204 -12.19 -18.28 21.46
N PRO A 205 -11.91 -17.21 20.69
CA PRO A 205 -11.04 -16.14 21.21
C PRO A 205 -11.66 -15.54 22.48
N GLU A 206 -10.85 -15.31 23.52
CA GLU A 206 -11.36 -14.81 24.78
C GLU A 206 -11.75 -13.33 24.75
N ARG A 207 -12.82 -12.98 25.49
CA ARG A 207 -13.21 -11.59 25.78
C ARG A 207 -13.00 -11.38 27.30
N ASN A 208 -12.03 -10.53 27.69
CA ASN A 208 -11.76 -10.21 29.10
C ASN A 208 -12.81 -9.15 29.57
N ILE A 210 -13.19 -8.18 32.84
CA ILE A 210 -12.63 -7.57 34.03
C ILE A 210 -11.83 -6.37 33.55
N ALA A 211 -12.43 -5.18 33.66
CA ALA A 211 -11.88 -3.92 33.18
C ALA A 211 -10.47 -3.68 33.68
N ASN A 212 -9.63 -3.14 32.79
CA ASN A 212 -8.24 -2.72 33.03
C ASN A 212 -7.38 -3.83 33.64
N THR A 213 -7.48 -5.05 33.08
CA THR A 213 -6.68 -6.20 33.53
C THR A 213 -6.12 -6.93 32.32
N ILE A 214 -5.09 -7.74 32.56
CA ILE A 214 -4.49 -8.58 31.54
C ILE A 214 -4.72 -10.01 31.98
N SER A 215 -5.57 -10.73 31.23
CA SER A 215 -5.84 -12.13 31.56
C SER A 215 -4.61 -13.01 31.24
N PRO A 216 -4.46 -14.24 31.79
CA PRO A 216 -3.33 -15.10 31.39
C PRO A 216 -3.20 -15.28 29.88
N ARG A 217 -4.34 -15.37 29.15
CA ARG A 217 -4.40 -15.47 27.70
C ARG A 217 -3.83 -14.22 27.01
N GLU A 218 -4.27 -13.03 27.46
CA GLU A 218 -3.80 -11.74 26.95
C GLU A 218 -2.27 -11.59 27.16
N ALA A 219 -1.76 -11.99 28.35
CA ALA A 219 -0.33 -11.94 28.70
C ALA A 219 0.49 -12.81 27.76
N LYS A 220 0.06 -14.08 27.56
CA LYS A 220 0.70 -15.05 26.67
C LYS A 220 0.76 -14.53 25.23
N GLU A 221 -0.28 -13.77 24.85
CA GLU A 221 -0.48 -13.17 23.55
C GLU A 221 0.31 -11.82 23.38
N GLY A 222 1.00 -11.37 24.42
CA GLY A 222 1.82 -10.16 24.34
C GLY A 222 1.15 -8.83 24.65
N TRP A 223 -0.04 -8.86 25.27
CA TRP A 223 -0.76 -7.66 25.64
C TRP A 223 -0.27 -7.12 26.97
N ALA A 224 -0.27 -5.80 27.08
CA ALA A 224 0.06 -5.11 28.33
C ALA A 224 -0.86 -3.92 28.46
N LEU A 225 -1.09 -3.45 29.70
CA LEU A 225 -1.90 -2.27 29.93
C LEU A 225 -1.11 -0.99 29.69
N LEU A 226 -1.72 0.01 29.04
CA LEU A 226 -1.13 1.33 28.98
C LEU A 226 -1.61 2.11 30.20
N TRP A 227 -2.91 1.91 30.61
CA TRP A 227 -3.48 2.47 31.84
C TRP A 227 -3.86 1.33 32.79
N ASP A 228 -3.37 1.39 34.06
CA ASP A 228 -3.59 0.33 35.06
C ASP A 228 -4.96 0.33 35.74
N GLY A 229 -5.81 1.28 35.42
CA GLY A 229 -7.18 1.37 35.93
C GLY A 229 -7.34 2.04 37.28
N LYS A 230 -6.22 2.50 37.86
CA LYS A 230 -6.16 3.07 39.21
C LYS A 230 -5.18 4.26 39.35
N THR A 231 -3.99 4.21 38.74
CA THR A 231 -2.98 5.27 38.87
C THR A 231 -2.64 5.91 37.55
N ASN A 232 -1.95 7.06 37.59
CA ASN A 232 -1.51 7.81 36.41
C ASN A 232 -0.17 7.26 35.88
N ASN A 233 0.31 6.14 36.45
CA ASN A 233 1.53 5.46 36.03
C ASN A 233 1.51 5.18 34.52
N GLY A 234 2.60 5.55 33.86
CA GLY A 234 2.79 5.39 32.42
C GLY A 234 2.38 6.60 31.61
N TRP A 235 1.84 7.62 32.27
CA TRP A 235 1.30 8.82 31.63
C TRP A 235 1.86 10.10 32.20
N ARG A 236 1.97 11.10 31.33
CA ARG A 236 2.37 12.46 31.66
C ARG A 236 1.69 13.42 30.69
N GLY A 237 1.62 14.68 31.07
CA GLY A 237 1.10 15.72 30.19
C GLY A 237 1.99 15.84 28.97
N ALA A 238 1.40 16.14 27.81
CA ALA A 238 2.20 16.26 26.57
C ALA A 238 3.33 17.30 26.71
N LYS A 239 3.03 18.45 27.35
CA LYS A 239 3.98 19.56 27.52
C LYS A 239 4.53 19.63 28.95
N LEU A 240 4.25 18.60 29.79
CA LEU A 240 4.71 18.54 31.19
C LEU A 240 5.68 17.36 31.40
N ASN A 241 6.39 17.35 32.55
CA ASN A 241 7.28 16.23 32.87
C ASN A 241 6.55 15.21 33.76
N ALA A 242 5.35 15.58 34.23
CA ALA A 242 4.51 14.74 35.08
C ALA A 242 3.07 14.78 34.60
N PHE A 243 2.18 14.03 35.28
CA PHE A 243 0.77 13.98 34.94
C PHE A 243 0.06 15.32 35.31
N PRO A 244 -0.91 15.81 34.49
CA PRO A 244 -1.58 17.08 34.84
C PRO A 244 -2.29 17.02 36.21
N GLU A 245 -2.23 18.15 36.92
CA GLU A 245 -2.78 18.31 38.26
C GLU A 245 -4.28 18.60 38.24
N LYS A 246 -4.86 18.80 37.04
CA LYS A 246 -6.27 19.10 36.83
C LYS A 246 -6.77 18.56 35.47
N GLY A 247 -8.10 18.50 35.30
CA GLY A 247 -8.78 18.12 34.07
C GLY A 247 -8.87 16.66 33.67
N TRP A 248 -8.34 15.77 34.51
CA TRP A 248 -8.34 14.31 34.32
C TRP A 248 -8.68 13.67 35.64
N LYS A 249 -9.74 12.82 35.66
CA LYS A 249 -10.23 12.13 36.85
C LYS A 249 -10.15 10.61 36.66
N GLU A 251 -11.79 7.14 38.40
CA GLU A 251 -12.75 6.60 39.36
C GLU A 251 -13.53 5.48 38.73
N ASP A 252 -13.85 4.45 39.52
CA ASP A 252 -14.64 3.29 39.12
C ASP A 252 -14.02 2.51 37.94
N GLY A 253 -12.71 2.58 37.80
CA GLY A 253 -11.95 1.92 36.75
C GLY A 253 -12.08 2.63 35.42
N ILE A 254 -12.48 3.92 35.44
CA ILE A 254 -12.66 4.76 34.25
C ILE A 254 -11.70 5.96 34.35
N LEU A 255 -11.01 6.29 33.24
CA LEU A 255 -10.07 7.42 33.09
C LEU A 255 -10.84 8.52 32.33
N LYS A 256 -11.20 9.59 33.04
CA LYS A 256 -12.11 10.60 32.51
C LYS A 256 -11.44 11.96 32.22
N VAL A 257 -11.60 12.47 31.00
CA VAL A 257 -11.20 13.83 30.66
C VAL A 257 -12.44 14.64 31.10
N LYS A 259 -15.10 17.87 31.72
CA LYS A 259 -15.85 18.82 30.90
C LYS A 259 -15.45 20.24 31.31
N SER A 260 -15.05 21.03 30.32
CA SER A 260 -14.74 22.46 30.44
C SER A 260 -15.40 23.15 29.23
N GLY A 261 -14.80 24.21 28.71
CA GLY A 261 -15.40 24.91 27.57
C GLY A 261 -15.35 24.30 26.18
N GLY A 262 -14.91 23.06 26.04
CA GLY A 262 -14.84 22.41 24.75
C GLY A 262 -13.64 22.84 23.89
N ALA A 263 -12.76 23.69 24.44
CA ALA A 263 -11.54 24.17 23.80
C ALA A 263 -10.53 23.04 23.63
N GLU A 264 -9.62 23.20 22.68
CA GLU A 264 -8.61 22.20 22.39
C GLU A 264 -7.41 22.30 23.33
N SER A 265 -7.21 21.24 24.16
CA SER A 265 -6.08 21.00 25.07
C SER A 265 -5.75 22.24 25.90
N ALA A 266 -6.82 22.86 26.45
CA ALA A 266 -6.75 24.09 27.24
C ALA A 266 -7.02 23.86 28.75
N ASN A 267 -7.49 22.67 29.14
CA ASN A 267 -7.79 22.37 30.53
C ASN A 267 -6.57 21.68 31.17
N GLY A 268 -6.62 20.36 31.39
CA GLY A 268 -5.49 19.60 31.91
C GLY A 268 -4.43 19.41 30.84
N GLY A 269 -4.87 19.48 29.58
CA GLY A 269 -4.04 19.27 28.40
C GLY A 269 -4.02 17.79 28.06
N ASP A 270 -3.43 17.44 26.93
CA ASP A 270 -3.33 16.06 26.48
C ASP A 270 -2.40 15.27 27.39
N ILE A 271 -2.64 13.95 27.47
CA ILE A 271 -1.78 13.04 28.22
C ILE A 271 -1.08 12.08 27.24
N VAL A 272 0.19 11.81 27.47
CA VAL A 272 0.97 10.93 26.59
C VAL A 272 1.60 9.78 27.38
N THR A 273 1.87 8.65 26.70
CA THR A 273 2.59 7.54 27.31
C THR A 273 4.02 8.01 27.65
N THR A 274 4.59 7.53 28.76
CA THR A 274 5.93 7.99 29.18
C THR A 274 7.03 7.31 28.36
N ARG A 275 6.63 6.38 27.47
CA ARG A 275 7.55 5.74 26.55
C ARG A 275 7.00 5.86 25.09
N LYS A 276 7.84 5.55 24.12
CA LYS A 276 7.52 5.58 22.70
C LYS A 276 7.24 4.18 22.21
N TYR A 277 6.33 4.07 21.24
CA TYR A 277 6.05 2.77 20.66
C TYR A 277 6.43 2.76 19.17
N LYS A 278 6.62 1.58 18.61
CA LYS A 278 6.98 1.45 17.22
C LYS A 278 5.80 0.72 16.46
N ASN A 279 5.82 -0.59 16.43
CA ASN A 279 4.78 -1.40 15.81
C ASN A 279 3.94 -1.97 16.90
N PHE A 280 2.63 -1.94 16.72
CA PHE A 280 1.71 -2.36 17.78
C PHE A 280 0.29 -2.52 17.29
N ILE A 281 -0.54 -3.13 18.14
CA ILE A 281 -2.00 -3.16 18.13
C ILE A 281 -2.36 -2.40 19.39
N LEU A 282 -3.02 -1.26 19.23
CA LEU A 282 -3.49 -0.46 20.35
C LEU A 282 -5.01 -0.51 20.39
N THR A 283 -5.57 -0.88 21.56
CA THR A 283 -7.03 -0.99 21.76
C THR A 283 -7.44 0.00 22.87
N VAL A 284 -8.50 0.78 22.64
CA VAL A 284 -9.02 1.76 23.62
C VAL A 284 -10.53 1.70 23.63
N ASP A 285 -11.13 1.52 24.82
CA ASP A 285 -12.59 1.59 25.01
C ASP A 285 -12.90 3.04 25.40
N PHE A 286 -13.89 3.66 24.75
CA PHE A 286 -14.27 5.05 25.02
C PHE A 286 -15.78 5.20 25.01
N LYS A 287 -16.26 6.14 25.83
CA LYS A 287 -17.66 6.53 25.95
C LYS A 287 -17.71 8.04 25.90
N ILE A 288 -18.59 8.59 25.08
CA ILE A 288 -18.72 10.04 24.92
C ILE A 288 -19.98 10.59 25.57
N THR A 289 -20.01 11.92 25.77
CA THR A 289 -21.18 12.66 26.19
C THR A 289 -21.69 13.36 24.95
N GLU A 290 -22.87 13.98 25.03
CA GLU A 290 -23.48 14.70 23.92
CA GLU A 290 -23.49 14.71 23.94
C GLU A 290 -22.56 15.84 23.48
N GLY A 291 -22.26 15.86 22.18
CA GLY A 291 -21.42 16.86 21.53
C GLY A 291 -19.95 16.81 21.88
N ALA A 292 -19.50 15.70 22.48
CA ALA A 292 -18.11 15.52 22.92
C ALA A 292 -17.13 15.34 21.78
N ASN A 293 -15.90 15.75 22.07
CA ASN A 293 -14.74 15.63 21.20
C ASN A 293 -13.56 15.19 22.03
N SER A 294 -12.79 14.25 21.48
CA SER A 294 -11.53 13.72 22.02
C SER A 294 -10.80 13.02 20.88
N GLY A 295 -9.89 12.15 21.24
CA GLY A 295 -9.16 11.42 20.20
C GLY A 295 -8.05 10.61 20.77
N VAL A 296 -7.61 9.61 19.99
CA VAL A 296 -6.45 8.77 20.28
C VAL A 296 -5.40 9.11 19.23
N LYS A 297 -4.22 9.62 19.68
CA LYS A 297 -3.14 9.98 18.76
C LYS A 297 -1.96 9.02 18.93
N TYR A 298 -1.18 8.84 17.85
CA TYR A 298 -0.03 7.95 17.75
C TYR A 298 0.94 8.62 16.81
N PHE A 299 2.24 8.20 16.81
CA PHE A 299 3.32 8.86 16.06
C PHE A 299 3.52 10.23 16.66
N VAL A 300 3.15 10.40 17.95
CA VAL A 300 3.21 11.69 18.64
C VAL A 300 4.67 12.06 18.94
N ASN A 301 4.97 13.34 18.75
CA ASN A 301 6.21 13.99 19.15
C ASN A 301 5.78 15.07 20.14
N PRO A 302 5.86 14.79 21.46
CA PRO A 302 5.32 15.73 22.47
C PRO A 302 6.01 17.09 22.51
N ASP A 303 7.24 17.17 21.94
CA ASP A 303 8.09 18.35 21.90
C ASP A 303 7.84 19.28 20.72
N LEU A 304 7.11 18.83 19.68
CA LEU A 304 6.80 19.67 18.50
C LEU A 304 5.91 20.89 18.87
N ASN A 305 4.72 20.66 19.49
CA ASN A 305 3.87 21.81 19.85
C ASN A 305 4.20 22.32 21.24
N LYS A 306 4.91 23.48 21.32
CA LYS A 306 5.27 24.11 22.59
C LYS A 306 4.31 25.25 22.90
N GLY A 307 3.40 25.54 21.95
CA GLY A 307 2.38 26.58 22.09
C GLY A 307 1.06 26.07 22.66
N GLU A 308 -0.06 26.55 22.11
CA GLU A 308 -1.42 26.19 22.49
C GLU A 308 -1.92 24.98 21.67
N GLY A 309 -2.95 24.32 22.16
CA GLY A 309 -3.57 23.20 21.45
C GLY A 309 -2.94 21.84 21.64
N SER A 310 -3.48 20.88 20.92
CA SER A 310 -3.15 19.46 20.98
C SER A 310 -1.72 19.16 20.49
N ALA A 311 -1.10 18.10 21.05
CA ALA A 311 0.24 17.65 20.67
C ALA A 311 0.18 17.04 19.27
N ILE A 312 1.31 17.01 18.56
CA ILE A 312 1.36 16.59 17.17
C ILE A 312 1.54 15.09 16.96
N GLY A 313 0.59 14.51 16.25
CA GLY A 313 0.58 13.13 15.82
C GLY A 313 -0.61 12.83 14.93
N CYS A 314 -0.70 11.57 14.48
CA CYS A 314 -1.85 11.11 13.71
C CYS A 314 -3.00 10.87 14.67
N GLU A 315 -4.23 11.14 14.27
CA GLU A 315 -5.33 11.03 15.22
C GLU A 315 -6.49 10.15 14.77
N PHE A 316 -6.96 9.28 15.69
CA PHE A 316 -8.20 8.50 15.59
C PHE A 316 -9.23 9.43 16.22
N GLN A 317 -9.96 10.18 15.38
CA GLN A 317 -10.95 11.12 15.87
C GLN A 317 -12.03 10.39 16.69
N ILE A 318 -12.42 11.00 17.83
CA ILE A 318 -13.50 10.60 18.72
C ILE A 318 -14.45 11.80 18.73
N LEU A 319 -15.73 11.59 18.34
CA LEU A 319 -16.66 12.71 18.24
C LEU A 319 -18.07 12.27 18.25
N ASP A 320 -18.99 13.18 18.67
CA ASP A 320 -20.44 13.02 18.53
C ASP A 320 -20.75 13.68 17.20
N ASP A 321 -20.76 12.88 16.13
CA ASP A 321 -20.99 13.30 14.74
C ASP A 321 -22.31 14.05 14.54
N ASP A 322 -23.31 13.71 15.36
CA ASP A 322 -24.65 14.29 15.33
C ASP A 322 -24.70 15.70 15.88
N LYS A 323 -23.84 16.06 16.85
CA LYS A 323 -23.92 17.38 17.49
C LYS A 323 -22.72 18.29 17.33
N HIS A 324 -21.48 17.75 17.38
CA HIS A 324 -20.28 18.59 17.36
C HIS A 324 -20.11 19.28 16.02
N PRO A 325 -19.93 20.63 16.03
CA PRO A 325 -19.81 21.37 14.75
C PRO A 325 -18.68 20.92 13.82
N ASP A 326 -17.56 20.39 14.37
CA ASP A 326 -16.38 19.95 13.61
C ASP A 326 -16.70 18.79 12.64
N ALA A 327 -17.79 18.04 12.88
CA ALA A 327 -18.25 16.94 12.04
C ALA A 327 -18.62 17.41 10.65
N LYS A 328 -19.12 18.66 10.53
CA LYS A 328 -19.54 19.25 9.27
C LYS A 328 -18.40 19.99 8.58
N LEU A 329 -17.27 20.15 9.31
CA LEU A 329 -16.08 20.83 8.79
C LEU A 329 -15.13 19.82 8.12
N GLY A 330 -13.96 20.27 7.71
CA GLY A 330 -13.06 19.38 6.99
C GLY A 330 -13.55 19.11 5.59
N VAL A 331 -13.14 17.96 5.01
CA VAL A 331 -13.38 17.64 3.62
C VAL A 331 -13.99 16.24 3.54
N LYS A 332 -15.24 16.16 3.04
CA LYS A 332 -16.01 14.92 2.82
C LYS A 332 -15.96 13.97 4.05
N GLY A 333 -16.23 14.56 5.22
CA GLY A 333 -16.31 13.90 6.52
C GLY A 333 -15.04 13.42 7.18
N ASN A 334 -13.88 14.03 6.87
CA ASN A 334 -12.58 13.59 7.41
C ASN A 334 -12.33 14.07 8.86
N ARG A 335 -13.36 14.60 9.53
CA ARG A 335 -13.26 15.03 10.92
C ARG A 335 -14.31 14.34 11.79
N LYS A 336 -15.05 13.37 11.22
CA LYS A 336 -16.06 12.56 11.92
C LYS A 336 -15.38 11.40 12.69
N LEU A 337 -16.06 10.83 13.70
CA LEU A 337 -15.55 9.73 14.54
C LEU A 337 -14.91 8.61 13.72
N GLY A 338 -13.73 8.18 14.15
CA GLY A 338 -12.98 7.09 13.54
C GLY A 338 -12.09 7.47 12.38
N SER A 339 -12.26 8.67 11.87
CA SER A 339 -11.42 9.20 10.78
C SER A 339 -9.99 9.34 11.22
N LEU A 340 -9.10 9.47 10.22
CA LEU A 340 -7.74 9.89 10.43
C LEU A 340 -7.91 11.38 10.29
N TYR A 341 -8.05 12.09 11.43
CA TYR A 341 -8.44 13.50 11.51
C TYR A 341 -7.80 14.38 10.44
N ASP A 342 -8.67 15.07 9.65
CA ASP A 342 -8.33 15.99 8.54
C ASP A 342 -7.56 15.30 7.39
N LEU A 343 -7.55 13.98 7.33
CA LEU A 343 -6.78 13.30 6.29
C LEU A 343 -7.62 12.30 5.55
N ILE A 344 -8.10 11.26 6.27
CA ILE A 344 -8.88 10.16 5.67
C ILE A 344 -10.20 10.01 6.41
N PRO A 345 -11.35 10.14 5.68
CA PRO A 345 -12.64 10.01 6.37
C PRO A 345 -12.99 8.57 6.70
N ALA A 346 -13.63 8.37 7.86
CA ALA A 346 -14.21 7.08 8.23
C ALA A 346 -15.40 6.84 7.25
N PRO A 347 -15.80 5.59 6.95
CA PRO A 347 -16.99 5.41 6.10
C PRO A 347 -18.25 5.99 6.74
N GLU A 348 -19.28 6.28 5.91
CA GLU A 348 -20.54 6.86 6.40
C GLU A 348 -21.25 5.88 7.35
N LYS A 349 -21.26 4.58 7.00
CA LYS A 349 -21.85 3.52 7.83
C LYS A 349 -20.74 2.88 8.64
N LYS A 350 -20.78 3.10 9.96
CA LYS A 350 -19.82 2.59 10.91
C LYS A 350 -20.56 2.07 12.17
N PRO A 351 -20.10 0.97 12.81
CA PRO A 351 -20.85 0.45 13.98
C PRO A 351 -20.59 1.24 15.27
N PHE A 352 -21.32 2.34 15.47
CA PHE A 352 -21.15 3.17 16.67
C PHE A 352 -22.43 3.22 17.46
N ASN A 353 -22.32 2.82 18.72
CA ASN A 353 -23.37 2.78 19.74
C ASN A 353 -23.11 3.93 20.74
N LYS A 354 -23.62 5.16 20.42
CA LYS A 354 -23.39 6.37 21.19
C LYS A 354 -23.78 6.30 22.69
N LYS A 355 -24.67 5.39 23.08
CA LYS A 355 -25.09 5.27 24.48
C LYS A 355 -24.12 4.44 25.35
N ASP A 356 -23.16 3.68 24.77
CA ASP A 356 -22.27 2.74 25.43
CA ASP A 356 -22.24 2.88 25.60
C ASP A 356 -20.81 3.02 25.14
N PHE A 357 -19.91 2.20 25.70
CA PHE A 357 -18.50 2.20 25.40
C PHE A 357 -18.33 1.58 24.02
N ASN A 358 -17.31 2.05 23.31
CA ASN A 358 -16.97 1.60 21.97
C ASN A 358 -15.50 1.33 21.98
N THR A 359 -15.04 0.41 21.13
CA THR A 359 -13.61 0.05 21.06
C THR A 359 -12.98 0.58 19.79
N ALA A 360 -11.92 1.37 20.00
CA ALA A 360 -11.09 1.90 18.94
C ALA A 360 -9.89 0.98 18.80
N THR A 361 -9.54 0.57 17.59
CA THR A 361 -8.33 -0.22 17.39
C THR A 361 -7.46 0.50 16.41
N ILE A 362 -6.19 0.68 16.76
CA ILE A 362 -5.17 1.26 15.87
C ILE A 362 -4.04 0.22 15.74
N ILE A 363 -3.75 -0.19 14.50
CA ILE A 363 -2.70 -1.15 14.15
C ILE A 363 -1.66 -0.42 13.32
N VAL A 364 -0.40 -0.47 13.79
CA VAL A 364 0.77 0.07 13.14
C VAL A 364 1.75 -1.11 12.90
N GLN A 365 2.04 -1.39 11.60
CA GLN A 365 3.00 -2.38 11.12
C GLN A 365 3.88 -1.68 10.14
N ASP A 366 4.88 -0.97 10.68
CA ASP A 366 5.85 -0.11 9.96
C ASP A 366 5.09 1.00 9.23
N ASN A 367 5.02 0.97 7.91
CA ASN A 367 4.36 2.04 7.15
C ASN A 367 2.86 1.82 7.04
N HIS A 368 2.39 0.58 7.27
CA HIS A 368 0.98 0.24 7.16
C HIS A 368 0.22 0.56 8.45
N VAL A 369 -0.93 1.28 8.31
CA VAL A 369 -1.77 1.65 9.44
C VAL A 369 -3.24 1.36 9.13
N GLU A 370 -4.00 0.86 10.14
CA GLU A 370 -5.43 0.61 10.11
C GLU A 370 -6.14 1.23 11.31
N HIS A 371 -7.40 1.70 11.12
CA HIS A 371 -8.32 2.13 12.17
C HIS A 371 -9.50 1.20 12.17
N TRP A 372 -9.85 0.63 13.33
CA TRP A 372 -11.04 -0.20 13.51
C TRP A 372 -11.95 0.41 14.57
N LEU A 373 -13.26 0.18 14.43
CA LEU A 373 -14.26 0.56 15.42
C LEU A 373 -15.17 -0.64 15.63
N ASN A 374 -15.19 -1.14 16.87
CA ASN A 374 -15.98 -2.27 17.33
C ASN A 374 -15.82 -3.51 16.42
N GLY A 375 -14.57 -3.78 16.04
CA GLY A 375 -14.19 -4.95 15.25
C GLY A 375 -14.43 -4.85 13.76
N VAL A 376 -14.68 -3.63 13.27
CA VAL A 376 -14.91 -3.34 11.84
C VAL A 376 -13.82 -2.38 11.37
N LYS A 377 -13.13 -2.72 10.28
CA LYS A 377 -12.07 -1.88 9.71
C LYS A 377 -12.70 -0.66 9.05
N LEU A 378 -12.24 0.52 9.48
CA LEU A 378 -12.74 1.79 8.96
C LEU A 378 -11.86 2.31 7.84
N ILE A 379 -10.59 2.55 8.13
CA ILE A 379 -9.61 3.11 7.19
C ILE A 379 -8.33 2.26 7.20
N GLU A 380 -7.59 2.39 6.13
CA GLU A 380 -6.32 1.72 5.84
CA GLU A 380 -6.31 1.72 5.83
C GLU A 380 -5.41 2.75 5.14
N TYR A 381 -4.15 2.92 5.58
CA TYR A 381 -3.23 3.83 4.87
C TYR A 381 -1.80 3.36 5.02
N THR A 382 -0.91 3.92 4.21
CA THR A 382 0.52 3.64 4.21
C THR A 382 1.29 4.97 4.16
N ARG A 383 2.06 5.24 5.23
CA ARG A 383 2.92 6.41 5.32
C ARG A 383 4.20 6.11 4.54
N ASN A 384 5.05 7.13 4.37
CA ASN A 384 6.30 7.07 3.63
C ASN A 384 6.07 6.65 2.17
N THR A 385 4.96 7.16 1.59
CA THR A 385 4.56 6.97 0.19
C THR A 385 4.29 8.33 -0.42
N ASP A 386 4.38 8.42 -1.76
CA ASP A 386 4.07 9.60 -2.53
C ASP A 386 2.64 10.05 -2.21
N TRP A 388 0.81 9.47 0.60
CA TRP A 388 0.74 9.96 1.98
C TRP A 388 1.20 11.40 2.11
N ASN A 389 2.39 11.68 1.55
CA ASN A 389 3.07 12.97 1.63
C ASN A 389 2.29 14.04 0.91
N ALA A 390 1.68 13.65 -0.22
CA ALA A 390 0.84 14.53 -1.06
C ALA A 390 -0.45 14.85 -0.33
N LEU A 391 -1.02 13.86 0.37
CA LEU A 391 -2.24 14.02 1.15
C LEU A 391 -1.98 14.92 2.37
N VAL A 392 -0.86 14.65 3.10
CA VAL A 392 -0.44 15.47 4.24
C VAL A 392 -0.22 16.95 3.81
N ALA A 393 0.30 17.17 2.60
CA ALA A 393 0.62 18.50 2.05
C ALA A 393 -0.60 19.41 1.88
N TYR A 394 -1.81 18.81 1.77
CA TYR A 394 -3.07 19.53 1.65
C TYR A 394 -3.74 19.77 3.00
N SER A 395 -3.27 19.08 4.08
CA SER A 395 -3.93 19.12 5.37
C SER A 395 -3.40 20.14 6.34
N LYS A 396 -3.99 20.14 7.53
CA LYS A 396 -3.67 20.90 8.74
C LYS A 396 -2.20 20.62 9.18
N TYR A 397 -1.62 19.49 8.73
CA TYR A 397 -0.27 19.08 9.08
C TYR A 397 0.77 19.38 8.00
N LYS A 398 0.42 20.24 7.03
CA LYS A 398 1.27 20.57 5.89
C LYS A 398 2.61 21.20 6.24
N ASN A 399 2.75 21.77 7.44
CA ASN A 399 3.96 22.50 7.84
C ASN A 399 4.91 21.67 8.68
N TRP A 400 4.45 20.50 9.14
CA TRP A 400 5.26 19.58 9.93
C TRP A 400 6.15 18.73 9.02
N PRO A 401 7.50 18.84 9.17
CA PRO A 401 8.40 18.03 8.33
C PRO A 401 8.34 16.54 8.67
N ASN A 402 8.15 15.71 7.61
CA ASN A 402 8.05 14.26 7.63
C ASN A 402 6.91 13.77 8.55
N PHE A 403 5.76 14.49 8.53
CA PHE A 403 4.58 14.15 9.36
C PHE A 403 4.14 12.73 9.15
N GLY A 404 4.01 12.02 10.27
CA GLY A 404 3.53 10.64 10.34
C GLY A 404 4.41 9.59 9.72
N ASN A 405 5.68 9.93 9.43
CA ASN A 405 6.62 9.07 8.74
C ASN A 405 7.65 8.40 9.64
N SER A 406 7.74 8.78 10.94
CA SER A 406 8.70 8.19 11.87
C SER A 406 8.25 6.82 12.37
N ALA A 407 9.22 5.95 12.67
CA ALA A 407 8.98 4.60 13.17
C ALA A 407 8.32 4.64 14.54
N GLU A 408 8.89 5.46 15.43
CA GLU A 408 8.47 5.61 16.82
C GLU A 408 7.68 6.90 17.11
N GLY A 409 6.88 6.83 18.16
CA GLY A 409 6.09 7.94 18.67
C GLY A 409 5.33 7.55 19.92
N ASN A 410 4.89 8.55 20.70
CA ASN A 410 4.10 8.26 21.90
C ASN A 410 2.65 8.09 21.51
N ILE A 411 1.85 7.53 22.42
CA ILE A 411 0.41 7.37 22.28
C ILE A 411 -0.19 8.43 23.23
N LEU A 412 -1.26 9.06 22.80
CA LEU A 412 -1.89 10.21 23.45
C LEU A 412 -3.39 10.06 23.52
N LEU A 413 -3.95 10.60 24.59
CA LEU A 413 -5.39 10.75 24.83
C LEU A 413 -5.65 12.25 24.91
N GLN A 414 -6.55 12.72 24.06
CA GLN A 414 -6.82 14.15 23.87
C GLN A 414 -7.83 14.78 24.82
N ASP A 415 -7.46 15.98 25.26
CA ASP A 415 -8.27 16.92 25.99
C ASP A 415 -8.90 17.86 24.98
N HIS A 416 -10.18 17.66 24.70
CA HIS A 416 -10.81 18.64 23.82
C HIS A 416 -11.92 19.39 24.58
N GLY A 417 -11.70 19.52 25.91
CA GLY A 417 -12.54 20.26 26.83
C GLY A 417 -13.94 19.71 27.04
N ASP A 418 -14.16 18.44 26.63
CA ASP A 418 -15.44 17.74 26.79
C ASP A 418 -15.29 16.44 27.60
N GLU A 419 -16.38 16.00 28.20
CA GLU A 419 -16.37 14.79 29.00
C GLU A 419 -16.39 13.53 28.13
N VAL A 420 -15.27 12.78 28.20
CA VAL A 420 -15.07 11.52 27.49
C VAL A 420 -14.44 10.56 28.47
N TRP A 421 -14.93 9.30 28.45
CA TRP A 421 -14.50 8.23 29.32
C TRP A 421 -13.66 7.21 28.61
N PHE A 422 -12.63 6.71 29.30
CA PHE A 422 -11.74 5.70 28.76
C PHE A 422 -11.52 4.58 29.75
N LYS A 423 -11.29 3.38 29.22
CA LYS A 423 -10.96 2.17 29.97
C LYS A 423 -10.33 1.16 28.99
N ASN A 424 -9.75 0.09 29.55
CA ASN A 424 -9.14 -0.98 28.75
C ASN A 424 -8.22 -0.43 27.67
N VAL A 425 -7.23 0.40 28.10
CA VAL A 425 -6.21 1.01 27.22
C VAL A 425 -5.05 0.04 27.24
N LYS A 426 -4.98 -0.80 26.20
CA LYS A 426 -3.98 -1.88 26.14
C LYS A 426 -3.17 -1.81 24.86
N ILE A 427 -1.98 -2.44 24.88
CA ILE A 427 -1.09 -2.48 23.74
C ILE A 427 -0.47 -3.87 23.59
N LYS A 428 -0.40 -4.33 22.33
CA LYS A 428 0.31 -5.53 21.92
C LYS A 428 1.43 -5.06 21.00
N GLU A 429 2.67 -4.97 21.53
CA GLU A 429 3.81 -4.59 20.69
C GLU A 429 4.04 -5.67 19.63
N LEU A 430 4.31 -5.24 18.37
CA LEU A 430 4.56 -6.17 17.28
C LEU A 430 6.04 -6.15 16.87
N LYS A 431 6.47 -7.18 16.09
CA LYS A 431 7.84 -7.32 15.58
C LYS A 431 8.28 -6.05 14.81
N GLY B 1 35.90 -24.60 -36.48
CA GLY B 1 34.77 -24.02 -35.76
C GLY B 1 34.56 -22.57 -36.16
N GLN B 2 34.34 -21.69 -35.15
CA GLN B 2 34.15 -20.26 -35.40
C GLN B 2 35.42 -19.67 -36.00
N THR B 3 35.26 -18.90 -37.07
CA THR B 3 36.37 -18.25 -37.76
C THR B 3 36.49 -16.84 -37.19
N TRP B 4 37.60 -16.59 -36.46
CA TRP B 4 37.99 -15.29 -35.89
C TRP B 4 39.15 -14.70 -36.69
N GLU B 5 39.06 -13.40 -36.96
CA GLU B 5 40.12 -12.65 -37.65
C GLU B 5 40.71 -11.64 -36.70
N PRO B 6 42.03 -11.60 -36.47
CA PRO B 6 42.56 -10.57 -35.56
C PRO B 6 42.57 -9.20 -36.25
N LEU B 7 42.07 -8.16 -35.55
CA LEU B 7 42.05 -6.79 -36.05
C LEU B 7 43.41 -6.14 -35.80
N PHE B 8 44.10 -6.62 -34.75
CA PHE B 8 45.44 -6.24 -34.34
C PHE B 8 46.26 -7.52 -34.25
N ASN B 9 47.39 -7.57 -35.01
CA ASN B 9 48.25 -8.75 -35.07
C ASN B 9 49.21 -8.89 -33.85
N GLY B 10 49.27 -7.88 -32.98
CA GLY B 10 50.12 -7.93 -31.79
C GLY B 10 51.54 -7.43 -31.92
N LYS B 11 52.02 -7.28 -33.18
CA LYS B 11 53.40 -6.85 -33.45
C LYS B 11 53.48 -5.37 -33.92
N ASN B 12 52.63 -4.96 -34.87
CA ASN B 12 52.60 -3.62 -35.46
C ASN B 12 51.13 -3.11 -35.60
N LEU B 13 50.94 -1.93 -36.23
CA LEU B 13 49.63 -1.30 -36.41
C LEU B 13 49.06 -1.50 -37.84
N LYS B 14 49.46 -2.59 -38.54
CA LYS B 14 48.90 -2.95 -39.85
C LYS B 14 47.37 -3.21 -39.69
N GLY B 15 46.57 -2.58 -40.56
CA GLY B 15 45.11 -2.64 -40.54
C GLY B 15 44.43 -1.48 -39.83
N TRP B 16 45.21 -0.45 -39.43
CA TRP B 16 44.71 0.71 -38.69
C TRP B 16 45.21 2.05 -39.30
N LYS B 17 44.44 3.14 -39.08
CA LYS B 17 44.72 4.53 -39.49
C LYS B 17 44.31 5.50 -38.36
N LYS B 18 45.19 6.46 -37.99
CA LYS B 18 44.87 7.47 -36.97
C LYS B 18 44.04 8.58 -37.61
N LEU B 19 42.90 8.91 -36.99
CA LEU B 19 41.94 9.90 -37.47
C LEU B 19 41.72 11.00 -36.44
N ASN B 20 41.44 12.23 -36.94
CA ASN B 20 41.15 13.47 -36.18
C ASN B 20 42.37 13.95 -35.34
N GLY B 21 42.41 13.58 -34.06
CA GLY B 21 43.45 13.95 -33.11
C GLY B 21 44.84 13.40 -33.41
N LYS B 22 45.82 13.80 -32.60
CA LYS B 22 47.23 13.45 -32.77
C LYS B 22 47.82 12.66 -31.56
N ALA B 23 46.96 11.99 -30.77
CA ALA B 23 47.41 11.17 -29.64
C ALA B 23 48.14 9.92 -30.16
N GLU B 24 49.09 9.40 -29.37
CA GLU B 24 49.87 8.24 -29.76
C GLU B 24 49.24 6.88 -29.38
N TYR B 25 49.55 5.87 -30.21
CA TYR B 25 49.15 4.47 -30.06
C TYR B 25 50.43 3.68 -30.15
N LYS B 26 50.89 3.16 -29.00
CA LYS B 26 52.13 2.39 -28.88
C LYS B 26 51.80 0.93 -28.56
N ILE B 27 52.69 -0.01 -28.93
CA ILE B 27 52.46 -1.44 -28.65
C ILE B 27 53.35 -1.86 -27.48
N VAL B 28 52.67 -2.25 -26.37
CA VAL B 28 53.28 -2.68 -25.11
C VAL B 28 52.71 -4.06 -24.75
N ASP B 29 53.60 -5.08 -24.69
CA ASP B 29 53.31 -6.50 -24.40
C ASP B 29 52.03 -7.01 -25.10
N GLY B 30 52.01 -6.85 -26.43
CA GLY B 30 50.92 -7.27 -27.31
C GLY B 30 49.60 -6.55 -27.15
N ALA B 31 49.64 -5.29 -26.69
CA ALA B 31 48.45 -4.47 -26.50
C ALA B 31 48.64 -3.11 -27.15
N ILE B 32 47.57 -2.55 -27.75
CA ILE B 32 47.57 -1.18 -28.30
C ILE B 32 47.36 -0.29 -27.09
N VAL B 33 48.27 0.67 -26.87
CA VAL B 33 48.19 1.58 -25.74
C VAL B 33 47.96 2.98 -26.30
N GLY B 34 46.79 3.53 -26.01
CA GLY B 34 46.43 4.90 -26.37
C GLY B 34 46.94 5.83 -25.27
N ILE B 35 47.68 6.88 -25.60
CA ILE B 35 48.26 7.80 -24.61
C ILE B 35 47.60 9.20 -24.71
N SER B 36 47.01 9.70 -23.59
CA SER B 36 46.35 11.01 -23.49
C SER B 36 47.37 12.14 -23.79
N LYS B 37 46.94 13.25 -24.39
CA LYS B 37 47.87 14.31 -24.76
C LYS B 37 47.55 15.63 -24.03
N GLY B 39 45.87 19.69 -25.90
CA GLY B 39 45.72 20.56 -27.06
C GLY B 39 45.39 19.84 -28.36
N THR B 40 45.01 18.57 -28.26
CA THR B 40 44.62 17.77 -29.41
C THR B 40 43.16 17.32 -29.17
N PRO B 41 42.31 17.20 -30.22
CA PRO B 41 40.94 16.73 -30.00
C PRO B 41 40.90 15.20 -29.81
N ASN B 42 39.68 14.62 -29.74
CA ASN B 42 39.53 13.17 -29.64
C ASN B 42 40.29 12.50 -30.81
N THR B 43 41.05 11.43 -30.49
CA THR B 43 41.83 10.66 -31.46
C THR B 43 41.19 9.27 -31.61
N PHE B 44 41.18 8.77 -32.87
CA PHE B 44 40.64 7.49 -33.18
C PHE B 44 41.62 6.69 -34.03
N LEU B 45 41.91 5.45 -33.59
CA LEU B 45 42.70 4.49 -34.37
C LEU B 45 41.69 3.59 -35.03
N ALA B 46 41.39 3.87 -36.30
CA ALA B 46 40.34 3.17 -37.02
C ALA B 46 40.84 2.08 -37.91
N THR B 47 40.06 0.98 -38.01
CA THR B 47 40.32 -0.14 -38.91
C THR B 47 40.28 0.38 -40.35
N THR B 48 41.16 -0.15 -41.21
CA THR B 48 41.22 0.28 -42.61
C THR B 48 40.14 -0.41 -43.46
N LYS B 49 39.32 -1.26 -42.81
CA LYS B 49 38.22 -2.01 -43.40
C LYS B 49 36.92 -1.62 -42.74
N ASN B 50 35.82 -1.68 -43.53
CA ASN B 50 34.49 -1.46 -43.00
C ASN B 50 33.84 -2.79 -42.65
N TYR B 51 33.03 -2.78 -41.59
CA TYR B 51 32.35 -3.96 -41.08
C TYR B 51 30.88 -3.67 -40.87
N GLY B 52 30.02 -4.56 -41.33
CA GLY B 52 28.57 -4.48 -41.19
C GLY B 52 28.06 -5.41 -40.12
N ASP B 53 27.89 -6.69 -40.47
CA ASP B 53 27.46 -7.73 -39.53
C ASP B 53 28.67 -8.45 -38.99
N PHE B 54 28.83 -8.45 -37.65
CA PHE B 54 30.01 -9.02 -37.01
C PHE B 54 29.83 -9.29 -35.53
N ILE B 55 30.76 -10.07 -35.00
CA ILE B 55 30.92 -10.33 -33.56
C ILE B 55 32.31 -9.83 -33.25
N LEU B 56 32.41 -8.76 -32.45
CA LEU B 56 33.68 -8.17 -32.04
C LEU B 56 34.00 -8.51 -30.57
N GLU B 57 35.27 -8.86 -30.31
CA GLU B 57 35.77 -9.17 -28.96
C GLU B 57 37.10 -8.51 -28.75
N PHE B 58 37.28 -7.93 -27.56
CA PHE B 58 38.55 -7.30 -27.16
C PHE B 58 38.65 -7.20 -25.64
N ASP B 59 39.89 -7.21 -25.14
CA ASP B 59 40.20 -6.99 -23.74
C ASP B 59 40.58 -5.52 -23.59
N PHE B 60 40.11 -4.86 -22.51
CA PHE B 60 40.39 -3.44 -22.33
C PHE B 60 40.64 -3.09 -20.84
N LYS B 61 41.52 -2.11 -20.65
CA LYS B 61 42.02 -1.58 -19.40
C LYS B 61 42.12 -0.04 -19.51
N ILE B 62 41.69 0.71 -18.51
CA ILE B 62 41.78 2.17 -18.54
C ILE B 62 42.20 2.73 -17.17
N ASP B 63 42.96 3.83 -17.20
CA ASP B 63 43.33 4.57 -16.00
C ASP B 63 42.08 5.29 -15.50
N ASP B 64 41.89 5.36 -14.18
CA ASP B 64 40.73 6.05 -13.61
C ASP B 64 40.87 7.55 -13.91
N GLY B 65 39.74 8.23 -14.07
CA GLY B 65 39.75 9.66 -14.40
C GLY B 65 39.99 9.93 -15.87
N LEU B 66 39.87 8.89 -16.68
CA LEU B 66 40.02 8.92 -18.12
C LEU B 66 38.76 8.33 -18.76
N ASN B 67 38.37 8.78 -19.96
CA ASN B 67 37.19 8.22 -20.66
C ASN B 67 37.64 7.70 -22.02
N SER B 68 37.15 6.52 -22.42
CA SER B 68 37.50 5.96 -23.72
C SER B 68 36.24 5.46 -24.45
N GLY B 69 36.44 4.47 -25.32
CA GLY B 69 35.39 3.90 -26.11
C GLY B 69 35.93 3.26 -27.36
N VAL B 70 35.08 2.41 -27.98
CA VAL B 70 35.36 1.70 -29.22
C VAL B 70 34.22 2.03 -30.17
N GLN B 71 34.55 2.71 -31.29
CA GLN B 71 33.60 3.05 -32.34
C GLN B 71 33.23 1.81 -33.12
N LEU B 72 31.94 1.69 -33.47
CA LEU B 72 31.35 0.61 -34.28
C LEU B 72 30.64 1.22 -35.44
N ARG B 73 30.64 0.56 -36.61
CA ARG B 73 29.97 1.03 -37.85
C ARG B 73 30.06 2.57 -37.95
N SER B 74 31.29 3.13 -37.76
CA SER B 74 31.47 4.57 -37.70
C SER B 74 32.08 5.12 -38.97
N GLU B 75 31.91 6.44 -39.15
CA GLU B 75 32.30 7.13 -40.37
C GLU B 75 33.15 8.36 -40.08
N SER B 76 33.82 8.80 -41.14
CA SER B 76 34.62 10.02 -41.24
C SER B 76 34.42 10.52 -42.67
N LYS B 77 33.59 11.55 -42.83
CA LYS B 77 33.24 12.13 -44.14
C LYS B 77 33.65 13.61 -44.20
N LYS B 78 34.36 14.05 -45.27
CA LYS B 78 34.79 15.46 -45.42
C LYS B 78 33.58 16.43 -45.38
N ASP B 79 32.40 15.98 -45.89
CA ASP B 79 31.12 16.70 -45.92
C ASP B 79 30.43 16.74 -44.54
N TYR B 80 30.85 15.85 -43.60
CA TYR B 80 30.31 15.79 -42.23
C TYR B 80 31.35 16.29 -41.22
N GLN B 81 31.13 17.54 -40.69
CA GLN B 81 31.95 18.24 -39.69
C GLN B 81 33.47 18.19 -40.00
N ASN B 82 33.81 18.35 -41.28
CA ASN B 82 35.17 18.34 -41.84
C ASN B 82 35.96 17.09 -41.41
N GLY B 83 35.35 15.91 -41.60
CA GLY B 83 35.91 14.60 -41.31
C GLY B 83 35.90 14.12 -39.85
N ARG B 84 35.08 14.76 -39.01
CA ARG B 84 34.96 14.40 -37.60
C ARG B 84 34.41 12.95 -37.49
N VAL B 85 35.09 12.08 -36.72
CA VAL B 85 34.66 10.70 -36.54
C VAL B 85 33.31 10.72 -35.80
N HIS B 86 32.30 10.08 -36.39
CA HIS B 86 30.96 10.02 -35.83
C HIS B 86 30.39 8.62 -35.98
N GLY B 87 29.52 8.25 -35.05
CA GLY B 87 28.84 6.96 -35.07
C GLY B 87 28.76 6.28 -33.72
N TYR B 88 28.17 5.08 -33.70
CA TYR B 88 28.00 4.29 -32.47
C TYR B 88 29.31 4.10 -31.75
N GLN B 89 29.29 4.21 -30.41
CA GLN B 89 30.48 4.00 -29.62
C GLN B 89 30.15 3.21 -28.36
N PHE B 90 30.94 2.15 -28.10
CA PHE B 90 30.92 1.32 -26.88
C PHE B 90 31.69 2.15 -25.83
N GLU B 91 30.98 2.59 -24.78
CA GLU B 91 31.57 3.44 -23.76
C GLU B 91 32.50 2.67 -22.83
N ILE B 92 33.63 3.32 -22.47
CA ILE B 92 34.64 2.83 -21.50
C ILE B 92 34.67 3.94 -20.46
N ASP B 93 33.94 3.71 -19.35
CA ASP B 93 33.72 4.68 -18.29
C ASP B 93 34.11 4.14 -16.88
N PRO B 94 35.33 4.49 -16.36
CA PRO B 94 35.75 4.03 -15.01
C PRO B 94 35.21 4.90 -13.86
N SER B 95 34.44 5.98 -14.20
CA SER B 95 33.83 6.89 -13.24
C SER B 95 32.65 6.21 -12.48
N LYS B 96 32.22 6.85 -11.36
CA LYS B 96 31.12 6.41 -10.50
C LYS B 96 29.77 6.33 -11.25
N ARG B 97 29.64 7.06 -12.40
CA ARG B 97 28.48 7.08 -13.31
C ARG B 97 28.24 5.66 -13.87
N ALA B 98 29.36 4.96 -14.23
CA ALA B 98 29.49 3.56 -14.62
C ALA B 98 28.63 3.16 -15.82
N TRP B 99 28.86 3.81 -16.98
CA TRP B 99 28.11 3.52 -18.19
C TRP B 99 28.96 2.74 -19.19
N SER B 100 30.02 2.03 -18.69
CA SER B 100 30.83 1.19 -19.58
C SER B 100 29.92 0.16 -20.29
N GLY B 101 30.08 -0.01 -21.60
CA GLY B 101 29.26 -0.92 -22.39
C GLY B 101 28.02 -0.26 -22.96
N GLY B 102 27.70 0.94 -22.47
CA GLY B 102 26.61 1.76 -22.96
C GLY B 102 26.94 2.25 -24.36
N ILE B 103 25.91 2.66 -25.11
CA ILE B 103 26.12 3.12 -26.50
C ILE B 103 25.90 4.64 -26.57
N TYR B 104 26.97 5.35 -26.99
CA TYR B 104 26.99 6.79 -27.19
C TYR B 104 27.16 7.07 -28.69
N ASP B 105 26.29 7.92 -29.27
CA ASP B 105 26.39 8.23 -30.70
C ASP B 105 27.26 9.48 -30.88
N GLU B 106 28.60 9.23 -30.90
CA GLU B 106 29.70 10.17 -31.06
C GLU B 106 29.45 11.16 -32.20
N ALA B 107 29.60 12.48 -31.90
CA ALA B 107 29.42 13.61 -32.83
C ALA B 107 28.14 13.49 -33.69
N ARG B 108 27.07 12.91 -33.12
CA ARG B 108 25.79 12.76 -33.80
C ARG B 108 24.62 12.89 -32.78
N ARG B 109 23.97 11.79 -32.37
CA ARG B 109 22.80 11.89 -31.47
C ARG B 109 23.16 11.91 -29.98
N ASN B 110 24.44 11.61 -29.65
CA ASN B 110 24.99 11.52 -28.30
C ASN B 110 24.41 10.28 -27.59
N TRP B 111 24.12 10.33 -26.30
CA TRP B 111 23.69 9.12 -25.58
C TRP B 111 22.45 8.42 -26.16
N LEU B 112 22.65 7.15 -26.59
CA LEU B 112 21.59 6.29 -27.09
C LEU B 112 21.18 5.31 -26.02
N TYR B 113 22.15 4.61 -25.42
CA TYR B 113 21.88 3.64 -24.36
C TYR B 113 22.78 3.88 -23.14
N PRO B 114 22.46 4.91 -22.28
CA PRO B 114 23.18 5.05 -21.01
C PRO B 114 22.81 3.89 -20.06
N LEU B 115 23.65 3.55 -19.06
CA LEU B 115 23.26 2.35 -18.28
C LEU B 115 22.14 2.63 -17.25
N THR B 116 21.44 3.77 -17.43
CA THR B 116 20.21 4.13 -16.71
C THR B 116 19.07 3.18 -17.19
N LEU B 117 19.22 2.64 -18.42
CA LEU B 117 18.22 1.78 -19.04
C LEU B 117 18.44 0.31 -18.65
N ASN B 118 19.58 0.00 -18.00
CA ASN B 118 19.94 -1.34 -17.53
C ASN B 118 20.86 -1.16 -16.34
N PRO B 119 20.31 -0.76 -15.17
CA PRO B 119 21.19 -0.44 -14.03
C PRO B 119 22.00 -1.59 -13.43
N ALA B 120 21.60 -2.86 -13.69
CA ALA B 120 22.31 -4.04 -13.18
C ALA B 120 23.70 -4.23 -13.84
N ALA B 121 23.88 -3.66 -15.05
CA ALA B 121 25.13 -3.71 -15.84
C ALA B 121 26.18 -2.70 -15.33
N LYS B 122 25.79 -1.80 -14.41
CA LYS B 122 26.67 -0.77 -13.85
C LYS B 122 27.86 -1.38 -13.06
N THR B 123 27.67 -2.59 -12.52
CA THR B 123 28.68 -3.36 -11.74
C THR B 123 29.67 -4.18 -12.62
N ALA B 124 29.42 -4.32 -13.95
CA ALA B 124 30.22 -5.13 -14.88
C ALA B 124 31.71 -4.73 -14.96
N PHE B 125 31.99 -3.41 -15.12
CA PHE B 125 33.36 -2.95 -15.27
C PHE B 125 34.17 -3.07 -13.94
N LYS B 126 35.38 -3.65 -14.07
CA LYS B 126 36.37 -3.82 -13.02
C LYS B 126 37.39 -2.70 -13.17
N ASN B 127 37.51 -1.81 -12.18
CA ASN B 127 38.46 -0.69 -12.21
C ASN B 127 39.89 -1.20 -12.03
N ASN B 128 40.87 -0.60 -12.77
CA ASN B 128 42.30 -0.93 -12.73
C ASN B 128 42.56 -2.46 -12.89
N ALA B 129 41.87 -3.06 -13.87
CA ALA B 129 41.93 -4.46 -14.24
C ALA B 129 41.56 -4.64 -15.71
N TRP B 130 41.85 -5.83 -16.26
CA TRP B 130 41.48 -6.17 -17.64
C TRP B 130 40.02 -6.59 -17.69
N ASN B 131 39.30 -6.10 -18.71
CA ASN B 131 37.88 -6.38 -18.89
C ASN B 131 37.65 -6.95 -20.26
N LYS B 132 36.82 -7.99 -20.35
CA LYS B 132 36.52 -8.63 -21.61
C LYS B 132 35.28 -7.98 -22.19
N ALA B 133 35.32 -7.63 -23.48
CA ALA B 133 34.14 -7.04 -24.15
C ALA B 133 33.69 -7.90 -25.33
N ARG B 134 32.38 -7.91 -25.57
CA ARG B 134 31.77 -8.55 -26.74
C ARG B 134 30.72 -7.62 -27.30
N ILE B 135 30.81 -7.37 -28.60
CA ILE B 135 29.83 -6.57 -29.34
C ILE B 135 29.29 -7.43 -30.46
N GLU B 136 27.97 -7.48 -30.58
CA GLU B 136 27.28 -8.19 -31.65
C GLU B 136 26.43 -7.17 -32.40
N ALA B 137 26.90 -6.85 -33.62
CA ALA B 137 26.24 -5.95 -34.56
C ALA B 137 25.67 -6.82 -35.69
N ILE B 138 24.36 -7.17 -35.59
CA ILE B 138 23.65 -8.08 -36.52
C ILE B 138 22.37 -7.41 -37.07
N GLY B 139 22.45 -6.95 -38.31
CA GLY B 139 21.37 -6.18 -38.91
C GLY B 139 21.25 -4.87 -38.15
N ASN B 140 20.03 -4.50 -37.77
CA ASN B 140 19.79 -3.25 -37.03
C ASN B 140 20.07 -3.38 -35.53
N SER B 141 20.33 -4.62 -35.04
CA SER B 141 20.58 -4.94 -33.65
C SER B 141 22.06 -4.80 -33.32
N ILE B 142 22.36 -3.93 -32.34
CA ILE B 142 23.70 -3.70 -31.79
C ILE B 142 23.62 -3.99 -30.29
N ARG B 143 24.28 -5.06 -29.85
CA ARG B 143 24.25 -5.48 -28.44
C ARG B 143 25.65 -5.56 -27.88
N THR B 144 25.82 -5.23 -26.59
CA THR B 144 27.13 -5.22 -25.90
C THR B 144 27.10 -6.00 -24.57
N TRP B 145 28.24 -6.62 -24.24
CA TRP B 145 28.50 -7.35 -22.99
C TRP B 145 29.88 -6.96 -22.46
N ILE B 146 30.03 -6.91 -21.12
CA ILE B 146 31.28 -6.69 -20.40
C ILE B 146 31.38 -7.78 -19.35
N ASN B 147 32.45 -8.60 -19.44
CA ASN B 147 32.76 -9.71 -18.53
C ASN B 147 31.57 -10.67 -18.38
N GLY B 148 30.88 -10.90 -19.50
CA GLY B 148 29.70 -11.75 -19.54
C GLY B 148 28.41 -11.11 -19.08
N VAL B 149 28.43 -9.81 -18.69
CA VAL B 149 27.25 -9.08 -18.23
C VAL B 149 26.66 -8.29 -19.39
N PRO B 150 25.39 -8.53 -19.79
CA PRO B 150 24.79 -7.72 -20.88
C PRO B 150 24.66 -6.25 -20.48
N CYS B 151 25.15 -5.34 -21.33
CA CYS B 151 25.12 -3.91 -21.00
C CYS B 151 24.07 -3.14 -21.79
N ALA B 152 24.28 -2.99 -23.11
CA ALA B 152 23.39 -2.23 -23.98
C ALA B 152 22.79 -3.10 -25.12
N ASN B 153 21.69 -2.58 -25.69
CA ASN B 153 20.96 -3.19 -26.77
C ASN B 153 20.16 -2.09 -27.48
N ILE B 154 20.61 -1.69 -28.68
CA ILE B 154 19.90 -0.70 -29.49
C ILE B 154 19.49 -1.31 -30.83
N TRP B 155 18.38 -0.81 -31.38
CA TRP B 155 17.85 -1.13 -32.70
C TRP B 155 17.94 0.18 -33.50
N ASP B 156 18.81 0.22 -34.54
CA ASP B 156 19.01 1.42 -35.34
C ASP B 156 19.45 1.07 -36.76
N ASP B 157 19.13 1.93 -37.73
CA ASP B 157 19.43 1.74 -39.15
C ASP B 157 20.23 2.89 -39.78
N THR B 159 23.46 3.75 -39.73
CA THR B 159 24.72 3.35 -40.41
C THR B 159 24.91 1.81 -40.35
N PRO B 160 24.54 1.10 -41.44
CA PRO B 160 24.64 -0.37 -41.44
C PRO B 160 26.06 -0.90 -41.48
N SER B 161 27.01 -0.08 -41.95
CA SER B 161 28.42 -0.46 -42.13
C SER B 161 29.36 0.73 -41.96
N GLY B 162 30.49 0.48 -41.32
CA GLY B 162 31.54 1.47 -41.08
C GLY B 162 32.74 0.85 -40.38
N PHE B 163 33.69 1.68 -39.96
CA PHE B 163 34.89 1.18 -39.28
C PHE B 163 34.69 1.06 -37.75
N ILE B 164 35.63 0.32 -37.14
CA ILE B 164 35.81 0.13 -35.70
C ILE B 164 37.01 1.03 -35.34
N ALA B 165 36.91 1.81 -34.25
CA ALA B 165 38.01 2.70 -33.90
C ALA B 165 38.24 2.72 -32.40
N LEU B 166 39.50 2.91 -31.97
CA LEU B 166 39.91 2.99 -30.56
C LEU B 166 40.06 4.46 -30.20
N GLN B 167 39.29 4.94 -29.19
CA GLN B 167 39.24 6.35 -28.78
C GLN B 167 40.22 6.73 -27.67
N VAL B 168 40.91 7.85 -27.88
CA VAL B 168 41.76 8.55 -26.91
C VAL B 168 41.07 9.89 -26.78
N HIS B 169 40.28 10.04 -25.73
CA HIS B 169 39.47 11.23 -25.51
C HIS B 169 40.37 12.38 -25.14
N ALA B 170 40.12 13.56 -25.73
CA ALA B 170 40.82 14.81 -25.46
C ALA B 170 40.74 15.14 -23.97
N ILE B 171 41.88 15.48 -23.36
CA ILE B 171 41.92 15.76 -21.93
C ILE B 171 41.97 17.29 -21.69
N GLY B 172 41.40 17.71 -20.55
CA GLY B 172 41.30 19.12 -20.15
C GLY B 172 42.32 19.63 -19.14
N ASN B 173 42.63 18.80 -18.11
CA ASN B 173 43.60 19.13 -17.06
C ASN B 173 44.93 18.42 -17.29
N ALA B 174 46.03 19.09 -16.90
CA ALA B 174 47.43 18.64 -17.02
C ALA B 174 47.71 17.31 -16.31
N SER B 175 46.97 17.04 -15.21
CA SER B 175 47.06 15.84 -14.37
C SER B 175 46.74 14.53 -15.12
N GLU B 176 46.12 14.64 -16.33
CA GLU B 176 45.75 13.48 -17.14
C GLU B 176 46.78 13.20 -18.23
N GLU B 177 47.64 14.21 -18.57
CA GLU B 177 48.68 14.21 -19.62
C GLU B 177 49.27 12.82 -19.94
N GLY B 178 49.83 12.12 -18.96
CA GLY B 178 50.43 10.81 -19.23
C GLY B 178 49.52 9.58 -19.37
N LYS B 179 48.33 9.62 -18.72
CA LYS B 179 47.36 8.54 -18.55
C LYS B 179 47.02 7.76 -19.86
N THR B 180 46.86 6.44 -19.71
CA THR B 180 46.62 5.59 -20.87
C THR B 180 45.39 4.66 -20.73
N VAL B 181 44.94 4.16 -21.88
CA VAL B 181 43.90 3.17 -22.09
C VAL B 181 44.55 2.08 -23.00
N SER B 182 44.28 0.80 -22.72
CA SER B 182 44.83 -0.32 -23.47
C SER B 182 43.76 -1.22 -23.97
N TRP B 183 43.99 -1.79 -25.16
CA TRP B 183 43.14 -2.77 -25.84
C TRP B 183 44.04 -3.88 -26.36
N LYS B 184 43.76 -5.13 -25.97
CA LYS B 184 44.49 -6.31 -26.44
C LYS B 184 43.47 -7.39 -26.87
N ASP B 185 43.95 -8.46 -27.54
CA ASP B 185 43.13 -9.58 -28.06
C ASP B 185 41.86 -9.06 -28.83
N ILE B 186 42.11 -8.15 -29.79
CA ILE B 186 41.09 -7.55 -30.65
C ILE B 186 40.89 -8.48 -31.86
N ARG B 187 39.77 -9.23 -31.86
CA ARG B 187 39.38 -10.18 -32.91
C ARG B 187 37.94 -9.92 -33.38
N ILE B 188 37.63 -10.32 -34.63
CA ILE B 188 36.33 -10.14 -35.28
C ILE B 188 35.86 -11.42 -36.02
N CYS B 189 34.55 -11.69 -36.02
CA CYS B 189 33.89 -12.80 -36.70
C CYS B 189 32.85 -12.22 -37.64
N THR B 190 32.97 -12.53 -38.95
CA THR B 190 32.06 -12.04 -39.98
C THR B 190 31.41 -13.23 -40.70
N THR B 191 31.84 -14.44 -40.35
CA THR B 191 31.32 -15.65 -41.00
C THR B 191 30.46 -16.40 -40.00
N ASP B 192 29.25 -16.81 -40.44
CA ASP B 192 28.23 -17.55 -39.68
C ASP B 192 27.92 -16.86 -38.33
N VAL B 193 27.69 -15.54 -38.41
CA VAL B 193 27.41 -14.65 -37.28
C VAL B 193 26.18 -15.16 -36.49
N GLU B 194 25.09 -15.55 -37.20
CA GLU B 194 23.84 -16.08 -36.64
C GLU B 194 24.05 -17.40 -35.88
N ARG B 195 25.07 -18.18 -36.27
CA ARG B 195 25.37 -19.44 -35.61
C ARG B 195 25.94 -19.22 -34.20
N TYR B 196 26.69 -18.11 -33.99
CA TYR B 196 27.34 -17.83 -32.73
C TYR B 196 26.79 -16.61 -31.96
N GLN B 197 25.67 -16.04 -32.42
CA GLN B 197 25.04 -14.89 -31.75
C GLN B 197 24.50 -15.29 -30.38
N THR B 198 24.48 -14.34 -29.44
CA THR B 198 23.99 -14.53 -28.08
C THR B 198 22.47 -14.57 -28.11
N PRO B 199 21.84 -15.55 -27.43
CA PRO B 199 20.36 -15.59 -27.42
C PRO B 199 19.71 -14.38 -26.74
N GLU B 200 18.41 -14.15 -27.04
CA GLU B 200 17.58 -13.07 -26.48
C GLU B 200 17.46 -13.23 -24.97
N THR B 201 17.70 -14.45 -24.46
CA THR B 201 17.63 -14.76 -23.03
C THR B 201 18.83 -14.17 -22.25
N GLU B 202 19.92 -13.74 -22.95
CA GLU B 202 21.13 -13.23 -22.30
C GLU B 202 21.56 -11.85 -22.80
N GLU B 203 20.60 -10.94 -22.99
CA GLU B 203 20.85 -9.58 -23.48
C GLU B 203 20.23 -8.51 -22.61
N ALA B 204 20.66 -7.27 -22.83
CA ALA B 204 20.11 -6.08 -22.22
C ALA B 204 18.74 -5.78 -22.88
N PRO B 205 17.76 -5.18 -22.17
CA PRO B 205 16.49 -4.84 -22.84
C PRO B 205 16.74 -3.86 -23.98
N GLU B 206 16.10 -4.05 -25.13
CA GLU B 206 16.34 -3.22 -26.30
C GLU B 206 15.73 -1.82 -26.24
N ARG B 207 16.44 -0.80 -26.79
CA ARG B 207 15.94 0.54 -27.05
C ARG B 207 15.89 0.75 -28.59
N ASN B 208 14.69 0.88 -29.16
CA ASN B 208 14.50 1.12 -30.59
C ASN B 208 14.69 2.64 -30.89
N ILE B 210 14.74 3.92 -34.12
CA ILE B 210 14.06 4.14 -35.40
C ILE B 210 12.68 4.62 -35.06
N ALA B 211 12.49 5.96 -35.19
CA ALA B 211 11.27 6.67 -34.84
C ALA B 211 10.02 6.06 -35.41
N ASN B 212 8.99 5.95 -34.55
CA ASN B 212 7.64 5.50 -34.86
C ASN B 212 7.62 4.12 -35.55
N THR B 213 8.39 3.17 -35.03
CA THR B 213 8.43 1.79 -35.56
C THR B 213 8.35 0.77 -34.43
N ILE B 214 7.99 -0.48 -34.79
CA ILE B 214 7.94 -1.60 -33.85
C ILE B 214 9.01 -2.58 -34.32
N SER B 215 10.08 -2.74 -33.52
CA SER B 215 11.17 -3.68 -33.82
C SER B 215 10.68 -5.13 -33.68
N PRO B 216 11.37 -6.16 -34.26
CA PRO B 216 10.93 -7.56 -34.04
C PRO B 216 10.79 -7.91 -32.54
N ARG B 217 11.71 -7.40 -31.69
CA ARG B 217 11.70 -7.57 -30.26
C ARG B 217 10.47 -6.94 -29.61
N GLU B 218 10.15 -5.68 -29.98
CA GLU B 218 8.98 -4.95 -29.49
C GLU B 218 7.69 -5.69 -29.83
N ALA B 219 7.56 -6.19 -31.09
CA ALA B 219 6.40 -6.93 -31.56
C ALA B 219 6.18 -8.19 -30.73
N LYS B 220 7.25 -9.01 -30.56
CA LYS B 220 7.25 -10.25 -29.76
C LYS B 220 6.82 -9.97 -28.32
N GLU B 221 7.20 -8.80 -27.81
CA GLU B 221 6.97 -8.31 -26.46
C GLU B 221 5.57 -7.66 -26.30
N GLY B 222 4.78 -7.59 -27.37
CA GLY B 222 3.42 -7.05 -27.30
C GLY B 222 3.22 -5.55 -27.46
N TRP B 223 4.23 -4.85 -28.00
CA TRP B 223 4.12 -3.43 -28.25
C TRP B 223 3.47 -3.13 -29.56
N ALA B 224 2.73 -2.01 -29.58
CA ALA B 224 2.07 -1.49 -30.77
C ALA B 224 2.16 0.01 -30.76
N LEU B 225 2.06 0.63 -31.96
CA LEU B 225 2.10 2.08 -32.05
C LEU B 225 0.73 2.70 -31.77
N LEU B 226 0.67 3.80 -31.03
CA LEU B 226 -0.56 4.56 -30.89
C LEU B 226 -0.62 5.59 -32.03
N TRP B 227 0.54 6.12 -32.44
CA TRP B 227 0.67 7.01 -33.59
C TRP B 227 1.68 6.39 -34.57
N ASP B 228 1.26 6.18 -35.83
CA ASP B 228 2.05 5.53 -36.87
C ASP B 228 3.20 6.42 -37.46
N GLY B 229 3.31 7.64 -36.99
CA GLY B 229 4.35 8.54 -37.48
C GLY B 229 4.00 9.31 -38.73
N LYS B 230 2.87 8.99 -39.39
CA LYS B 230 2.51 9.66 -40.65
C LYS B 230 1.09 10.22 -40.68
N THR B 231 0.09 9.43 -40.25
CA THR B 231 -1.33 9.82 -40.32
C THR B 231 -1.95 10.02 -38.95
N ASN B 232 -3.16 10.64 -38.92
CA ASN B 232 -3.93 10.90 -37.72
C ASN B 232 -4.73 9.66 -37.28
N ASN B 233 -4.53 8.53 -37.96
CA ASN B 233 -5.18 7.24 -37.67
C ASN B 233 -5.00 6.85 -36.20
N GLY B 234 -6.10 6.47 -35.57
CA GLY B 234 -6.15 6.09 -34.16
C GLY B 234 -6.38 7.25 -33.21
N TRP B 235 -6.60 8.48 -33.75
CA TRP B 235 -6.79 9.72 -32.99
C TRP B 235 -7.98 10.54 -33.46
N ARG B 236 -8.62 11.21 -32.51
CA ARG B 236 -9.71 12.15 -32.74
C ARG B 236 -9.67 13.23 -31.68
N GLY B 237 -10.31 14.35 -31.95
CA GLY B 237 -10.45 15.41 -30.96
C GLY B 237 -11.26 14.90 -29.77
N ALA B 238 -10.94 15.36 -28.54
CA ALA B 238 -11.65 14.90 -27.35
C ALA B 238 -13.18 15.14 -27.46
N LYS B 239 -13.58 16.31 -28.01
CA LYS B 239 -14.99 16.72 -28.14
C LYS B 239 -15.48 16.61 -29.58
N LEU B 240 -14.67 16.02 -30.47
CA LEU B 240 -15.03 15.84 -31.89
C LEU B 240 -15.19 14.35 -32.26
N ASN B 241 -15.77 14.06 -33.42
CA ASN B 241 -15.92 12.68 -33.90
C ASN B 241 -14.73 12.31 -34.79
N ALA B 242 -13.96 13.34 -35.20
CA ALA B 242 -12.81 13.22 -36.09
C ALA B 242 -11.61 13.99 -35.53
N PHE B 243 -10.47 13.91 -36.23
CA PHE B 243 -9.24 14.63 -35.85
C PHE B 243 -9.40 16.16 -36.07
N PRO B 244 -8.87 17.03 -35.15
CA PRO B 244 -9.01 18.48 -35.38
C PRO B 244 -8.37 18.96 -36.70
N GLU B 245 -9.01 19.96 -37.33
CA GLU B 245 -8.55 20.50 -38.60
C GLU B 245 -7.42 21.55 -38.44
N LYS B 246 -7.07 21.97 -37.21
CA LYS B 246 -6.03 22.99 -36.96
C LYS B 246 -5.31 22.73 -35.64
N GLY B 247 -4.22 23.44 -35.37
CA GLY B 247 -3.48 23.33 -34.12
C GLY B 247 -2.60 22.11 -33.90
N TRP B 248 -2.72 21.11 -34.78
CA TRP B 248 -1.92 19.89 -34.74
C TRP B 248 -1.34 19.63 -36.12
N LYS B 249 -0.02 19.44 -36.21
CA LYS B 249 0.70 19.22 -37.45
C LYS B 249 1.50 17.92 -37.38
N GLU B 251 4.76 16.13 -39.38
CA GLU B 251 5.85 16.32 -40.32
C GLU B 251 7.13 15.77 -39.76
N ASP B 252 7.94 15.13 -40.62
CA ASP B 252 9.25 14.56 -40.32
C ASP B 252 9.20 13.49 -39.20
N GLY B 253 8.04 12.82 -39.06
CA GLY B 253 7.83 11.78 -38.08
C GLY B 253 7.57 12.32 -36.70
N ILE B 254 7.21 13.63 -36.62
CA ILE B 254 6.91 14.34 -35.38
C ILE B 254 5.47 14.81 -35.41
N LEU B 255 4.77 14.58 -34.29
CA LEU B 255 3.42 15.00 -34.03
C LEU B 255 3.52 16.34 -33.23
N LYS B 256 3.06 17.43 -33.82
CA LYS B 256 3.26 18.74 -33.19
C LYS B 256 2.00 19.47 -32.80
N VAL B 257 1.94 19.96 -31.57
CA VAL B 257 0.84 20.81 -31.16
C VAL B 257 1.37 22.24 -31.40
N LYS B 259 1.77 26.42 -31.57
CA LYS B 259 1.85 27.53 -30.63
C LYS B 259 0.74 28.52 -30.94
N SER B 260 -0.03 28.85 -29.91
CA SER B 260 -1.10 29.86 -29.94
C SER B 260 -0.94 30.68 -28.62
N GLY B 261 -2.04 31.15 -28.05
CA GLY B 261 -1.97 31.96 -26.83
C GLY B 261 -1.64 31.29 -25.50
N GLY B 262 -1.30 30.01 -25.50
CA GLY B 262 -0.99 29.28 -24.26
C GLY B 262 -2.20 28.90 -23.43
N ALA B 263 -3.41 29.16 -23.95
CA ALA B 263 -4.69 28.81 -23.32
C ALA B 263 -4.89 27.31 -23.32
N GLU B 264 -5.71 26.83 -22.38
CA GLU B 264 -5.98 25.42 -22.22
C GLU B 264 -7.05 24.91 -23.19
N SER B 265 -6.63 24.01 -24.10
CA SER B 265 -7.44 23.26 -25.08
C SER B 265 -8.42 24.17 -25.84
N ALA B 266 -7.90 25.32 -26.28
CA ALA B 266 -8.66 26.37 -26.96
C ALA B 266 -8.27 26.50 -28.46
N ASN B 267 -7.21 25.79 -28.91
CA ASN B 267 -6.81 25.86 -30.30
C ASN B 267 -7.48 24.69 -31.08
N GLY B 268 -6.71 23.65 -31.43
CA GLY B 268 -7.26 22.47 -32.07
C GLY B 268 -7.98 21.59 -31.06
N GLY B 269 -7.63 21.76 -29.77
CA GLY B 269 -8.18 21.00 -28.65
C GLY B 269 -7.38 19.74 -28.43
N ASP B 270 -7.64 19.03 -27.36
CA ASP B 270 -6.97 17.78 -27.02
C ASP B 270 -7.30 16.70 -28.03
N ILE B 271 -6.36 15.74 -28.19
CA ILE B 271 -6.56 14.59 -29.08
C ILE B 271 -6.59 13.33 -28.21
N VAL B 272 -7.48 12.41 -28.53
CA VAL B 272 -7.64 11.18 -27.74
C VAL B 272 -7.54 9.96 -28.67
N THR B 273 -7.16 8.82 -28.08
CA THR B 273 -7.11 7.54 -28.80
C THR B 273 -8.55 7.18 -29.17
N THR B 274 -8.76 6.59 -30.33
CA THR B 274 -10.13 6.25 -30.76
C THR B 274 -10.63 4.99 -30.04
N ARG B 275 -9.76 4.41 -29.20
CA ARG B 275 -9.91 3.24 -28.39
C ARG B 275 -9.75 3.51 -26.93
N LYS B 276 -10.31 2.67 -26.04
CA LYS B 276 -10.09 2.73 -24.60
C LYS B 276 -9.11 1.64 -24.21
N TYR B 277 -8.28 1.93 -23.21
CA TYR B 277 -7.29 1.01 -22.73
C TYR B 277 -7.56 0.71 -21.25
N LYS B 278 -7.03 -0.42 -20.75
CA LYS B 278 -7.24 -0.83 -19.36
C LYS B 278 -5.86 -0.87 -18.64
N ASN B 279 -5.16 -2.01 -18.73
CA ASN B 279 -3.83 -2.17 -18.15
C ASN B 279 -2.83 -2.06 -19.27
N PHE B 280 -1.75 -1.34 -19.04
CA PHE B 280 -0.78 -1.08 -20.10
C PHE B 280 0.50 -0.47 -19.59
N ILE B 281 1.51 -0.43 -20.45
CA ILE B 281 2.73 0.34 -20.39
C ILE B 281 2.58 1.29 -21.56
N LEU B 282 2.53 2.58 -21.28
CA LEU B 282 2.44 3.62 -22.31
C LEU B 282 3.73 4.43 -22.31
N THR B 283 4.34 4.58 -23.50
CA THR B 283 5.56 5.35 -23.68
C THR B 283 5.32 6.54 -24.65
N VAL B 284 5.83 7.72 -24.29
CA VAL B 284 5.71 8.91 -25.15
C VAL B 284 7.03 9.69 -25.11
N ASP B 285 7.61 10.00 -26.28
CA ASP B 285 8.75 10.90 -26.40
C ASP B 285 8.19 12.30 -26.66
N PHE B 286 8.67 13.30 -25.91
CA PHE B 286 8.20 14.68 -26.05
C PHE B 286 9.36 15.66 -25.98
N LYS B 287 9.20 16.79 -26.69
CA LYS B 287 10.14 17.90 -26.71
C LYS B 287 9.34 19.18 -26.52
N ILE B 288 9.78 20.05 -25.60
CA ILE B 288 9.09 21.29 -25.30
C ILE B 288 9.82 22.52 -25.84
N THR B 289 9.10 23.66 -25.89
CA THR B 289 9.63 24.97 -26.19
C THR B 289 9.68 25.69 -24.86
N GLU B 290 10.32 26.85 -24.81
CA GLU B 290 10.43 27.67 -23.62
C GLU B 290 9.01 28.06 -23.15
N GLY B 291 8.75 27.79 -21.86
CA GLY B 291 7.49 28.11 -21.18
C GLY B 291 6.31 27.27 -21.60
N ALA B 292 6.56 26.16 -22.30
CA ALA B 292 5.53 25.27 -22.83
C ALA B 292 4.83 24.48 -21.74
N ASN B 293 3.57 24.15 -22.05
CA ASN B 293 2.70 23.32 -21.26
C ASN B 293 1.97 22.35 -22.20
N SER B 294 1.89 21.09 -21.77
CA SER B 294 1.15 20.01 -22.41
C SER B 294 0.94 18.91 -21.38
N GLY B 295 0.68 17.70 -21.83
CA GLY B 295 0.50 16.60 -20.89
C GLY B 295 0.02 15.36 -21.58
N VAL B 296 0.23 14.22 -20.88
CA VAL B 296 -0.26 12.91 -21.31
C VAL B 296 -1.31 12.50 -20.29
N LYS B 297 -2.57 12.31 -20.72
CA LYS B 297 -3.65 11.91 -19.85
C LYS B 297 -4.07 10.48 -20.14
N TYR B 298 -4.58 9.80 -19.10
CA TYR B 298 -5.04 8.41 -19.11
C TYR B 298 -6.22 8.33 -18.16
N PHE B 299 -7.06 7.27 -18.25
CA PHE B 299 -8.31 7.17 -17.49
C PHE B 299 -9.24 8.27 -17.99
N VAL B 300 -9.06 8.71 -19.25
CA VAL B 300 -9.82 9.81 -19.84
C VAL B 300 -11.24 9.34 -20.18
N ASN B 301 -12.22 10.21 -19.90
CA ASN B 301 -13.60 10.09 -20.29
C ASN B 301 -13.86 11.33 -21.17
N PRO B 302 -13.78 11.17 -22.52
CA PRO B 302 -13.88 12.35 -23.41
C PRO B 302 -15.22 13.09 -23.35
N ASP B 303 -16.27 12.42 -22.84
CA ASP B 303 -17.64 12.91 -22.72
C ASP B 303 -17.92 13.70 -21.41
N LEU B 304 -17.03 13.66 -20.42
CA LEU B 304 -17.21 14.38 -19.14
C LEU B 304 -17.18 15.90 -19.31
N ASN B 305 -16.12 16.47 -19.92
CA ASN B 305 -16.07 17.92 -20.13
C ASN B 305 -16.63 18.28 -21.54
N LYS B 306 -17.86 18.83 -21.56
CA LYS B 306 -18.53 19.25 -22.78
C LYS B 306 -18.37 20.78 -22.98
N GLY B 307 -17.79 21.46 -21.98
CA GLY B 307 -17.51 22.89 -21.97
C GLY B 307 -16.15 23.26 -22.55
N GLU B 308 -15.48 24.22 -21.88
CA GLU B 308 -14.15 24.73 -22.24
C GLU B 308 -13.08 23.93 -21.53
N GLY B 309 -11.84 23.99 -22.04
CA GLY B 309 -10.71 23.34 -21.41
C GLY B 309 -10.47 21.88 -21.75
N SER B 310 -9.46 21.32 -21.09
CA SER B 310 -8.96 19.97 -21.26
C SER B 310 -9.98 18.89 -20.85
N ALA B 311 -9.88 17.71 -21.49
CA ALA B 311 -10.73 16.56 -21.21
C ALA B 311 -10.33 15.97 -19.84
N ILE B 312 -11.24 15.24 -19.18
CA ILE B 312 -11.02 14.74 -17.83
C ILE B 312 -10.32 13.38 -17.78
N GLY B 313 -9.22 13.36 -17.05
CA GLY B 313 -8.41 12.19 -16.77
C GLY B 313 -7.25 12.50 -15.85
N CYS B 314 -6.47 11.47 -15.53
CA CYS B 314 -5.24 11.65 -14.75
C CYS B 314 -4.17 12.17 -15.69
N GLU B 315 -3.28 13.04 -15.21
CA GLU B 315 -2.33 13.66 -16.12
C GLU B 315 -0.88 13.54 -15.70
N PHE B 316 -0.02 13.16 -16.67
CA PHE B 316 1.45 13.21 -16.60
C PHE B 316 1.76 14.62 -17.12
N GLN B 317 2.04 15.53 -16.21
CA GLN B 317 2.27 16.92 -16.57
C GLN B 317 3.54 17.05 -17.40
N ILE B 318 3.47 17.87 -18.45
CA ILE B 318 4.58 18.24 -19.32
C ILE B 318 4.69 19.75 -19.18
N LEU B 319 5.83 20.27 -18.72
CA LEU B 319 5.96 21.68 -18.47
C LEU B 319 7.38 22.14 -18.45
N ASP B 320 7.60 23.43 -18.76
CA ASP B 320 8.88 24.09 -18.56
C ASP B 320 8.79 24.68 -17.15
N ASP B 321 9.28 23.92 -16.16
CA ASP B 321 9.25 24.25 -14.72
C ASP B 321 9.92 25.60 -14.40
N ASP B 322 10.92 25.96 -15.20
CA ASP B 322 11.70 27.18 -15.06
C ASP B 322 10.92 28.43 -15.47
N LYS B 323 9.99 28.34 -16.44
CA LYS B 323 9.31 29.52 -16.97
C LYS B 323 7.80 29.57 -16.78
N HIS B 324 7.08 28.43 -16.95
CA HIS B 324 5.62 28.46 -16.89
C HIS B 324 5.11 28.79 -15.48
N PRO B 325 4.20 29.78 -15.37
CA PRO B 325 3.71 30.19 -14.04
C PRO B 325 3.04 29.10 -13.20
N ASP B 326 2.44 28.08 -13.87
CA ASP B 326 1.71 26.97 -13.21
C ASP B 326 2.65 26.11 -12.34
N ALA B 327 3.96 26.15 -12.58
CA ALA B 327 4.97 25.42 -11.81
C ALA B 327 4.99 25.86 -10.33
N LYS B 328 4.64 27.12 -10.05
CA LYS B 328 4.61 27.68 -8.70
C LYS B 328 3.23 27.57 -8.04
N LEU B 329 2.20 27.10 -8.76
CA LEU B 329 0.80 27.07 -8.31
C LEU B 329 0.25 25.80 -7.66
N GLY B 330 1.01 24.72 -7.60
CA GLY B 330 0.42 23.55 -6.98
C GLY B 330 0.51 23.63 -5.47
N VAL B 331 0.59 22.49 -4.87
CA VAL B 331 0.88 22.23 -3.49
C VAL B 331 2.18 21.41 -3.55
N LYS B 332 3.28 21.95 -2.99
CA LYS B 332 4.63 21.34 -2.88
C LYS B 332 5.10 20.72 -4.25
N GLY B 333 4.94 21.50 -5.32
CA GLY B 333 5.34 21.18 -6.69
C GLY B 333 4.53 20.14 -7.47
N ASN B 334 3.23 19.97 -7.14
CA ASN B 334 2.41 18.95 -7.80
C ASN B 334 1.89 19.38 -9.17
N ARG B 335 2.42 20.46 -9.75
CA ARG B 335 2.05 20.90 -11.10
C ARG B 335 3.28 21.01 -12.00
N LYS B 336 4.43 20.56 -11.51
CA LYS B 336 5.69 20.57 -12.25
C LYS B 336 5.77 19.31 -13.15
N LEU B 337 6.63 19.32 -14.19
CA LEU B 337 6.80 18.23 -15.15
C LEU B 337 6.93 16.88 -14.46
N GLY B 338 6.20 15.88 -14.97
CA GLY B 338 6.23 14.50 -14.51
C GLY B 338 5.30 14.19 -13.36
N SER B 339 4.76 15.23 -12.72
CA SER B 339 3.80 15.08 -11.64
C SER B 339 2.52 14.45 -12.09
N LEU B 340 1.75 13.93 -11.13
CA LEU B 340 0.37 13.54 -11.35
C LEU B 340 -0.32 14.87 -11.04
N TYR B 341 -0.63 15.64 -12.11
CA TYR B 341 -1.09 17.04 -12.03
C TYR B 341 -2.08 17.29 -10.90
N ASP B 342 -1.74 18.26 -10.01
CA ASP B 342 -2.49 18.71 -8.83
C ASP B 342 -2.71 17.59 -7.77
N LEU B 343 -1.98 16.49 -7.85
CA LEU B 343 -2.21 15.41 -6.90
C LEU B 343 -0.94 14.97 -6.23
N ILE B 344 0.02 14.45 -7.03
CA ILE B 344 1.29 13.90 -6.54
C ILE B 344 2.46 14.57 -7.25
N PRO B 345 3.36 15.22 -6.47
CA PRO B 345 4.49 15.92 -7.10
C PRO B 345 5.58 15.00 -7.57
N ALA B 346 6.17 15.32 -8.73
CA ALA B 346 7.38 14.63 -9.21
C ALA B 346 8.52 15.01 -8.22
N PRO B 347 9.57 14.17 -7.99
CA PRO B 347 10.66 14.63 -7.12
C PRO B 347 11.35 15.90 -7.66
N GLU B 348 12.00 16.67 -6.77
CA GLU B 348 12.69 17.89 -7.12
C GLU B 348 13.81 17.60 -8.13
N LYS B 349 14.57 16.51 -7.91
CA LYS B 349 15.66 16.08 -8.81
C LYS B 349 15.11 14.99 -9.71
N LYS B 350 15.00 15.30 -11.00
CA LYS B 350 14.46 14.41 -12.04
C LYS B 350 15.34 14.51 -13.31
N PRO B 351 15.55 13.42 -14.08
CA PRO B 351 16.44 13.52 -15.26
C PRO B 351 15.76 14.18 -16.48
N PHE B 352 15.71 15.51 -16.53
CA PHE B 352 15.08 16.22 -17.64
C PHE B 352 16.11 17.06 -18.38
N ASN B 353 16.19 16.81 -19.69
CA ASN B 353 17.06 17.43 -20.66
C ASN B 353 16.19 18.35 -21.55
N LYS B 354 15.94 19.61 -21.10
CA LYS B 354 15.04 20.56 -21.77
C LYS B 354 15.38 20.88 -23.22
N LYS B 355 16.62 20.65 -23.68
CA LYS B 355 17.01 20.94 -25.06
C LYS B 355 16.66 19.81 -26.06
N ASP B 356 16.33 18.58 -25.58
CA ASP B 356 16.11 17.38 -26.35
CA ASP B 356 16.00 17.50 -26.52
C ASP B 356 14.74 16.75 -26.10
N PHE B 357 14.46 15.62 -26.76
CA PHE B 357 13.30 14.80 -26.50
C PHE B 357 13.53 14.09 -25.18
N ASN B 358 12.43 13.80 -24.49
CA ASN B 358 12.42 13.09 -23.22
C ASN B 358 11.37 12.05 -23.31
N THR B 359 11.51 10.94 -22.55
CA THR B 359 10.55 9.84 -22.58
C THR B 359 9.74 9.78 -21.30
N ALA B 360 8.43 9.85 -21.47
CA ALA B 360 7.46 9.70 -20.42
C ALA B 360 6.98 8.25 -20.42
N THR B 361 6.96 7.59 -19.27
CA THR B 361 6.39 6.24 -19.21
C THR B 361 5.30 6.25 -18.17
N ILE B 362 4.15 5.74 -18.53
CA ILE B 362 3.00 5.56 -17.64
C ILE B 362 2.65 4.05 -17.66
N ILE B 363 2.67 3.42 -16.47
CA ILE B 363 2.33 2.03 -16.24
C ILE B 363 1.05 1.97 -15.39
N VAL B 364 0.04 1.27 -15.89
CA VAL B 364 -1.22 1.01 -15.22
C VAL B 364 -1.38 -0.53 -15.11
N GLN B 365 -1.45 -1.04 -13.87
CA GLN B 365 -1.68 -2.44 -13.51
C GLN B 365 -2.78 -2.42 -12.50
N ASP B 366 -4.04 -2.35 -13.02
CA ASP B 366 -5.30 -2.23 -12.28
C ASP B 366 -5.29 -0.97 -11.43
N ASN B 367 -5.18 -1.09 -10.10
CA ASN B 367 -5.20 0.09 -9.25
C ASN B 367 -3.84 0.74 -9.12
N HIS B 368 -2.76 0.02 -9.40
CA HIS B 368 -1.41 0.50 -9.26
C HIS B 368 -0.95 1.30 -10.50
N VAL B 369 -0.39 2.50 -10.27
CA VAL B 369 0.08 3.38 -11.34
C VAL B 369 1.47 3.92 -11.03
N GLU B 370 2.35 4.02 -12.05
CA GLU B 370 3.70 4.62 -11.98
C GLU B 370 3.92 5.63 -13.09
N HIS B 371 4.70 6.71 -12.81
CA HIS B 371 5.21 7.69 -13.79
C HIS B 371 6.70 7.58 -13.83
N TRP B 372 7.27 7.41 -15.04
CA TRP B 372 8.72 7.41 -15.25
C TRP B 372 9.12 8.52 -16.21
N LEU B 373 10.34 9.05 -16.03
CA LEU B 373 10.92 10.04 -16.93
C LEU B 373 12.32 9.59 -17.22
N ASN B 374 12.61 9.35 -18.49
CA ASN B 374 13.90 8.92 -19.03
C ASN B 374 14.49 7.70 -18.28
N GLY B 375 13.63 6.74 -17.98
CA GLY B 375 14.01 5.49 -17.33
C GLY B 375 14.16 5.53 -15.83
N VAL B 376 13.70 6.63 -15.21
CA VAL B 376 13.74 6.84 -13.74
C VAL B 376 12.30 6.95 -13.24
N LYS B 377 11.96 6.17 -12.21
CA LYS B 377 10.63 6.22 -11.59
C LYS B 377 10.48 7.53 -10.81
N LEU B 378 9.42 8.26 -11.12
CA LEU B 378 9.16 9.53 -10.48
C LEU B 378 8.21 9.34 -9.31
N ILE B 379 7.00 8.84 -9.61
CA ILE B 379 5.96 8.67 -8.60
C ILE B 379 5.29 7.33 -8.81
N GLU B 380 4.56 6.89 -7.79
CA GLU B 380 3.76 5.68 -7.84
C GLU B 380 2.56 5.84 -6.89
N TYR B 381 1.39 5.36 -7.34
CA TYR B 381 0.18 5.50 -6.55
C TYR B 381 -0.75 4.33 -6.80
N THR B 382 -1.79 4.24 -5.96
CA THR B 382 -2.83 3.21 -6.02
C THR B 382 -4.21 3.89 -5.88
N ARG B 383 -5.02 3.81 -6.94
CA ARG B 383 -6.38 4.31 -6.94
C ARG B 383 -7.26 3.29 -6.26
N ASN B 384 -8.52 3.65 -6.01
CA ASN B 384 -9.52 2.82 -5.33
C ASN B 384 -9.07 2.46 -3.90
N THR B 385 -8.39 3.42 -3.23
CA THR B 385 -7.91 3.35 -1.85
C THR B 385 -8.42 4.57 -1.10
N ASP B 386 -8.50 4.46 0.24
CA ASP B 386 -8.88 5.53 1.14
C ASP B 386 -7.98 6.73 0.94
N TRP B 388 -6.22 7.54 -1.87
CA TRP B 388 -6.48 8.12 -3.19
C TRP B 388 -7.68 9.05 -3.20
N ASN B 389 -8.81 8.58 -2.65
CA ASN B 389 -10.08 9.26 -2.65
C ASN B 389 -10.03 10.49 -1.80
N ALA B 390 -9.29 10.42 -0.69
CA ALA B 390 -9.06 11.52 0.25
C ALA B 390 -8.17 12.57 -0.40
N LEU B 391 -7.16 12.14 -1.17
CA LEU B 391 -6.25 13.03 -1.87
C LEU B 391 -6.98 13.74 -3.02
N VAL B 392 -7.78 12.99 -3.81
CA VAL B 392 -8.62 13.54 -4.89
C VAL B 392 -9.62 14.61 -4.33
N ALA B 393 -10.14 14.39 -3.12
CA ALA B 393 -11.14 15.24 -2.46
C ALA B 393 -10.61 16.65 -2.15
N TYR B 394 -9.30 16.80 -2.04
CA TYR B 394 -8.63 18.08 -1.81
C TYR B 394 -8.23 18.79 -3.12
N SER B 395 -8.26 18.10 -4.26
CA SER B 395 -7.76 18.61 -5.53
C SER B 395 -8.79 19.24 -6.43
N LYS B 396 -8.33 19.71 -7.59
CA LYS B 396 -9.04 20.27 -8.72
C LYS B 396 -10.14 19.28 -9.25
N TYR B 397 -9.99 17.97 -8.92
CA TYR B 397 -10.90 16.93 -9.37
C TYR B 397 -11.90 16.52 -8.30
N LYS B 398 -12.06 17.34 -7.25
CA LYS B 398 -12.93 17.07 -6.10
C LYS B 398 -14.41 16.90 -6.43
N ASN B 399 -14.84 17.41 -7.61
CA ASN B 399 -16.25 17.40 -8.01
C ASN B 399 -16.60 16.25 -8.93
N TRP B 400 -15.61 15.55 -9.46
CA TRP B 400 -15.79 14.39 -10.33
C TRP B 400 -16.00 13.14 -9.49
N PRO B 401 -17.17 12.49 -9.59
CA PRO B 401 -17.40 11.29 -8.77
C PRO B 401 -16.59 10.09 -9.30
N ASN B 402 -15.90 9.39 -8.37
CA ASN B 402 -15.05 8.23 -8.62
C ASN B 402 -13.87 8.55 -9.57
N PHE B 403 -13.31 9.76 -9.45
CA PHE B 403 -12.18 10.21 -10.28
C PHE B 403 -11.01 9.24 -10.21
N GLY B 404 -10.54 8.86 -11.39
CA GLY B 404 -9.38 7.99 -11.59
C GLY B 404 -9.50 6.57 -11.09
N ASN B 405 -10.72 6.13 -10.80
CA ASN B 405 -11.02 4.82 -10.23
C ASN B 405 -11.52 3.78 -11.24
N SER B 406 -11.83 4.19 -12.49
CA SER B 406 -12.32 3.28 -13.53
C SER B 406 -11.21 2.46 -14.14
N ALA B 407 -11.53 1.24 -14.56
CA ALA B 407 -10.62 0.28 -15.17
C ALA B 407 -10.10 0.82 -16.51
N GLU B 408 -11.04 1.27 -17.35
CA GLU B 408 -10.78 1.74 -18.71
C GLU B 408 -10.82 3.26 -18.87
N GLY B 409 -10.15 3.72 -19.92
CA GLY B 409 -10.11 5.10 -20.32
C GLY B 409 -9.29 5.31 -21.57
N ASN B 410 -9.48 6.46 -22.22
CA ASN B 410 -8.69 6.78 -23.41
C ASN B 410 -7.40 7.40 -22.97
N ILE B 411 -6.44 7.46 -23.89
CA ILE B 411 -5.15 8.13 -23.71
C ILE B 411 -5.27 9.43 -24.56
N LEU B 412 -4.74 10.51 -24.01
CA LEU B 412 -4.86 11.86 -24.53
C LEU B 412 -3.54 12.57 -24.55
N LEU B 413 -3.38 13.44 -25.55
CA LEU B 413 -2.28 14.38 -25.70
C LEU B 413 -2.92 15.76 -25.65
N GLN B 414 -2.43 16.60 -24.74
CA GLN B 414 -3.01 17.90 -24.42
C GLN B 414 -2.53 19.07 -25.28
N ASP B 415 -3.52 19.86 -25.75
CA ASP B 415 -3.32 21.14 -26.39
C ASP B 415 -3.37 22.17 -25.28
N HIS B 416 -2.23 22.75 -24.95
CA HIS B 416 -2.27 23.79 -23.95
C HIS B 416 -1.71 25.09 -24.57
N GLY B 417 -1.99 25.29 -25.86
CA GLY B 417 -1.70 26.47 -26.65
C GLY B 417 -0.24 26.81 -26.83
N ASP B 418 0.63 25.82 -26.54
CA ASP B 418 2.09 25.95 -26.66
C ASP B 418 2.68 24.87 -27.57
N GLU B 419 3.84 25.18 -28.18
CA GLU B 419 4.50 24.25 -29.07
C GLU B 419 5.21 23.14 -28.31
N VAL B 420 4.70 21.91 -28.51
CA VAL B 420 5.23 20.69 -27.92
C VAL B 420 5.23 19.65 -29.02
N TRP B 421 6.33 18.88 -29.11
CA TRP B 421 6.56 17.83 -30.09
C TRP B 421 6.46 16.45 -29.48
N PHE B 422 5.89 15.52 -30.24
CA PHE B 422 5.72 14.13 -29.84
C PHE B 422 6.16 13.17 -30.92
N LYS B 423 6.65 12.00 -30.50
CA LYS B 423 7.04 10.88 -31.36
C LYS B 423 7.11 9.62 -30.50
N ASN B 424 7.24 8.46 -31.13
CA ASN B 424 7.33 7.16 -30.44
C ASN B 424 6.24 7.00 -29.37
N VAL B 425 4.95 7.16 -29.80
CA VAL B 425 3.78 7.01 -28.91
C VAL B 425 3.36 5.55 -29.05
N LYS B 426 3.77 4.73 -28.07
CA LYS B 426 3.56 3.28 -28.15
C LYS B 426 2.83 2.75 -26.92
N ILE B 427 2.22 1.56 -27.03
CA ILE B 427 1.52 0.92 -25.94
C ILE B 427 1.76 -0.61 -25.94
N LYS B 428 1.97 -1.13 -24.73
CA LYS B 428 2.06 -2.56 -24.45
C LYS B 428 0.88 -2.87 -23.54
N GLU B 429 -0.21 -3.46 -24.10
CA GLU B 429 -1.34 -3.82 -23.26
C GLU B 429 -0.93 -4.93 -22.30
N LEU B 430 -1.38 -4.85 -21.04
CA LEU B 430 -1.04 -5.86 -20.03
C LEU B 430 -2.27 -6.70 -19.67
N LYS B 431 -2.06 -7.87 -19.03
CA LYS B 431 -3.13 -8.79 -18.59
C LYS B 431 -4.18 -8.05 -17.72
#